data_6BSZ
#
_entry.id   6BSZ
#
_cell.length_a   112.539
_cell.length_b   166.623
_cell.length_c   198.661
_cell.angle_alpha   90.000
_cell.angle_beta   90.000
_cell.angle_gamma   90.000
#
_symmetry.space_group_name_H-M   'I 2 2 2'
#
loop_
_entity.id
_entity.type
_entity.pdbx_description
1 polymer 'Metabotropic glutamate receptor 8'
2 non-polymer 'GLUTAMIC ACID'
3 non-polymer 2-acetamido-2-deoxy-beta-D-glucopyranose
4 non-polymer 'SULFATE ION'
5 water water
#
_entity_poly.entity_id   1
_entity_poly.type   'polypeptide(L)'
_entity_poly.pdbx_seq_one_letter_code
;AHSIRVDGDIILGGLFPVHAKGERGVPCGELKKEKGIHRLEAMLYAIDQINKDPDLLSNITLGVRILDTCSRDTYALEQS
LTFVQALIEKDASDVKCANGDPPIFTKPDKISGVIGAAASSVSIMVANILRLFKIPQISYASTAPELSDNTRYDFFSRVV
PPDSYQAQAMVDIVTALGWNYVSTLASEGNYGESGVEAFTQISREIGGVSIAQSQKIPREPRPGEFEKIIKRLLETPNAR
AVIMFANEDDIRRILEAAKKLQQSGHFLWIGSDSWGSKIAPVYQQEEIAEGAVTILPKRASIDGFDRYFRSRTLANNRRN
VWFAEFWEENFGCKLGSHGKRNSHIKKCTGLERIARDSSYEQEGKVQFVIDAVYSMAYALHNMHKDLCPGYIGLCPRMST
IDGKELLGYIRAVNFNGSAGTPVTFNENGDAPGRYDIFQYQITNKSTEYKVIGHWTNQLHLKVEDMQWAHREHTHPASE
;
_entity_poly.pdbx_strand_id   A,B
#
loop_
_chem_comp.id
_chem_comp.type
_chem_comp.name
_chem_comp.formula
NAG D-saccharide, beta linking 2-acetamido-2-deoxy-beta-D-glucopyranose 'C8 H15 N O6'
SO4 non-polymer 'SULFATE ION' 'O4 S -2'
#
# COMPACT_ATOMS: atom_id res chain seq x y z
N ALA A 1 1.72 26.81 -17.54
CA ALA A 1 0.67 25.78 -17.26
C ALA A 1 1.31 24.43 -16.90
N HIS A 2 0.72 23.77 -15.92
CA HIS A 2 1.22 22.48 -15.43
C HIS A 2 0.28 21.32 -15.78
N SER A 3 -0.75 21.62 -16.57
CA SER A 3 -1.73 20.62 -17.01
C SER A 3 -2.32 20.95 -18.37
N ILE A 4 -3.02 20.00 -18.96
CA ILE A 4 -3.74 20.20 -20.21
C ILE A 4 -5.22 20.43 -19.93
N ARG A 5 -5.68 21.64 -20.20
CA ARG A 5 -7.08 22.01 -20.04
C ARG A 5 -7.77 22.16 -21.39
N VAL A 6 -8.82 21.37 -21.61
CA VAL A 6 -9.66 21.48 -22.79
C VAL A 6 -11.12 21.52 -22.34
N ASP A 7 -11.82 22.59 -22.69
CA ASP A 7 -13.19 22.81 -22.23
C ASP A 7 -14.21 21.97 -23.00
N GLY A 8 -15.31 21.64 -22.33
CA GLY A 8 -16.40 20.87 -22.92
C GLY A 8 -17.63 20.86 -22.03
N ASP A 9 -18.67 20.13 -22.48
CA ASP A 9 -19.90 19.99 -21.71
C ASP A 9 -19.70 19.01 -20.55
N ILE A 10 -18.97 17.92 -20.84
CA ILE A 10 -18.63 16.90 -19.85
C ILE A 10 -17.11 16.74 -19.82
N ILE A 11 -16.51 17.02 -18.67
CA ILE A 11 -15.06 16.98 -18.53
C ILE A 11 -14.57 15.62 -18.04
N LEU A 12 -13.56 15.08 -18.72
CA LEU A 12 -12.94 13.81 -18.37
C LEU A 12 -11.51 14.01 -17.87
N GLY A 13 -11.24 13.52 -16.66
CA GLY A 13 -9.92 13.60 -16.06
C GLY A 13 -8.96 12.59 -16.67
N GLY A 14 -7.67 12.94 -16.68
CA GLY A 14 -6.64 12.07 -17.23
C GLY A 14 -5.38 12.04 -16.38
N LEU A 15 -4.85 10.84 -16.19
CA LEU A 15 -3.61 10.64 -15.44
C LEU A 15 -2.59 9.84 -16.26
N PHE A 16 -1.47 10.47 -16.57
CA PHE A 16 -0.45 9.86 -17.42
C PHE A 16 0.96 10.10 -16.88
N PRO A 17 1.84 9.09 -16.99
CA PRO A 17 3.22 9.26 -16.55
C PRO A 17 4.09 9.94 -17.60
N VAL A 18 3.88 11.25 -17.78
CA VAL A 18 4.63 12.04 -18.76
C VAL A 18 6.12 12.04 -18.43
N HIS A 19 6.43 12.18 -17.14
CA HIS A 19 7.80 12.06 -16.66
C HIS A 19 7.96 10.80 -15.81
N ALA A 20 9.19 10.30 -15.75
CA ALA A 20 9.54 9.21 -14.85
C ALA A 20 9.84 9.77 -13.46
N LYS A 21 9.96 8.91 -12.46
CA LYS A 21 10.33 9.34 -11.12
C LYS A 21 11.79 9.78 -11.05
N GLY A 22 12.04 10.89 -10.37
CA GLY A 22 13.39 11.42 -10.21
C GLY A 22 14.23 10.55 -9.27
N GLU A 23 15.54 10.78 -9.28
CA GLU A 23 16.46 10.00 -8.46
C GLU A 23 16.48 10.45 -7.00
N ARG A 24 16.28 9.49 -6.11
CA ARG A 24 16.38 9.68 -4.65
C ARG A 24 15.62 10.89 -4.10
N GLY A 25 14.30 10.77 -4.04
CA GLY A 25 13.45 11.81 -3.46
C GLY A 25 12.85 12.79 -4.44
N VAL A 26 13.62 13.14 -5.47
CA VAL A 26 13.18 14.07 -6.51
C VAL A 26 11.88 13.56 -7.15
N PRO A 27 10.83 14.41 -7.16
CA PRO A 27 9.51 14.01 -7.66
C PRO A 27 9.49 13.60 -9.14
N CYS A 28 9.99 14.47 -10.01
CA CYS A 28 9.93 14.21 -11.45
C CYS A 28 11.31 14.15 -12.09
N GLY A 29 11.47 13.20 -13.03
CA GLY A 29 12.72 12.99 -13.73
C GLY A 29 12.57 13.14 -15.24
N GLU A 30 13.22 12.24 -15.98
CA GLU A 30 13.23 12.28 -17.45
C GLU A 30 11.83 12.06 -18.04
N LEU A 31 11.54 12.75 -19.14
CA LEU A 31 10.28 12.62 -19.83
C LEU A 31 10.19 11.28 -20.56
N LYS A 32 9.03 10.63 -20.46
CA LYS A 32 8.78 9.36 -21.13
C LYS A 32 8.15 9.61 -22.49
N LYS A 33 8.89 9.29 -23.55
CA LYS A 33 8.43 9.50 -24.93
C LYS A 33 7.28 8.58 -25.31
N GLU A 34 7.42 7.29 -25.01
CA GLU A 34 6.43 6.29 -25.38
C GLU A 34 5.35 6.10 -24.31
N LYS A 35 5.79 5.82 -23.08
CA LYS A 35 4.87 5.58 -21.96
C LYS A 35 4.07 6.82 -21.59
N GLY A 36 4.65 8.00 -21.79
CA GLY A 36 4.01 9.25 -21.43
C GLY A 36 3.28 9.94 -22.57
N ILE A 37 4.04 10.42 -23.55
CA ILE A 37 3.50 11.24 -24.65
C ILE A 37 2.54 10.48 -25.57
N HIS A 38 2.95 9.29 -26.03
CA HIS A 38 2.12 8.46 -26.90
C HIS A 38 0.74 8.21 -26.30
N ARG A 39 0.71 7.82 -25.03
CA ARG A 39 -0.53 7.46 -24.34
C ARG A 39 -1.38 8.70 -24.03
N LEU A 40 -0.74 9.77 -23.58
CA LEU A 40 -1.41 11.05 -23.33
C LEU A 40 -2.06 11.57 -24.61
N GLU A 41 -1.32 11.50 -25.71
CA GLU A 41 -1.80 11.99 -27.00
C GLU A 41 -2.88 11.08 -27.58
N ALA A 42 -2.89 9.82 -27.15
CA ALA A 42 -3.91 8.86 -27.56
C ALA A 42 -5.29 9.21 -26.99
N MET A 43 -5.30 9.77 -25.78
CA MET A 43 -6.54 10.21 -25.14
C MET A 43 -7.12 11.43 -25.85
N LEU A 44 -6.24 12.37 -26.19
CA LEU A 44 -6.63 13.58 -26.94
C LEU A 44 -7.12 13.23 -28.34
N TYR A 45 -6.49 12.23 -28.95
CA TYR A 45 -6.91 11.72 -30.25
C TYR A 45 -8.30 11.10 -30.18
N ALA A 46 -8.52 10.22 -29.20
CA ALA A 46 -9.79 9.52 -29.02
C ALA A 46 -10.93 10.52 -28.79
N ILE A 47 -10.68 11.52 -27.96
CA ILE A 47 -11.65 12.57 -27.66
C ILE A 47 -11.97 13.43 -28.89
N ASP A 48 -10.97 13.68 -29.73
CA ASP A 48 -11.17 14.36 -31.01
C ASP A 48 -12.07 13.56 -31.95
N GLN A 49 -11.89 12.24 -31.95
CA GLN A 49 -12.68 11.35 -32.81
C GLN A 49 -14.11 11.18 -32.31
N ILE A 50 -14.31 11.28 -30.99
CA ILE A 50 -15.63 11.21 -30.38
C ILE A 50 -16.41 12.50 -30.63
N ASN A 51 -15.76 13.64 -30.38
CA ASN A 51 -16.37 14.97 -30.58
C ASN A 51 -16.75 15.25 -32.04
N LYS A 52 -15.98 14.70 -32.96
CA LYS A 52 -16.24 14.84 -34.39
C LYS A 52 -17.47 14.03 -34.83
N ASP A 53 -17.69 12.91 -34.16
CA ASP A 53 -18.73 11.94 -34.55
C ASP A 53 -20.15 12.46 -34.34
N PRO A 54 -21.02 12.28 -35.35
CA PRO A 54 -22.42 12.69 -35.27
C PRO A 54 -23.34 11.68 -34.57
N ASP A 55 -22.94 10.41 -34.50
CA ASP A 55 -23.77 9.35 -33.92
C ASP A 55 -23.51 9.15 -32.42
N LEU A 56 -22.23 9.11 -32.05
CA LEU A 56 -21.84 8.94 -30.64
C LEU A 56 -21.79 10.30 -29.94
N LEU A 57 -22.57 10.42 -28.86
CA LEU A 57 -22.70 11.66 -28.09
C LEU A 57 -23.00 12.87 -28.98
N SER A 58 -24.16 12.83 -29.62
CA SER A 58 -24.57 13.86 -30.58
C SER A 58 -24.79 15.22 -29.92
N ASN A 59 -24.21 16.25 -30.54
CA ASN A 59 -24.30 17.64 -30.06
C ASN A 59 -23.74 17.85 -28.65
N ILE A 60 -22.81 16.99 -28.25
CA ILE A 60 -22.15 17.06 -26.94
C ILE A 60 -20.64 17.01 -27.12
N THR A 61 -19.93 17.89 -26.41
CA THR A 61 -18.48 17.98 -26.48
C THR A 61 -17.84 17.48 -25.18
N LEU A 62 -16.88 16.57 -25.31
CA LEU A 62 -16.15 16.04 -24.15
C LEU A 62 -14.94 16.89 -23.82
N GLY A 63 -14.91 17.41 -22.59
CA GLY A 63 -13.79 18.19 -22.09
C GLY A 63 -12.69 17.34 -21.52
N VAL A 64 -11.59 17.98 -21.14
CA VAL A 64 -10.40 17.28 -20.66
C VAL A 64 -9.66 18.02 -19.56
N ARG A 65 -9.14 17.25 -18.59
CA ARG A 65 -8.23 17.75 -17.58
C ARG A 65 -7.16 16.68 -17.32
N ILE A 66 -6.07 16.75 -18.09
CA ILE A 66 -5.02 15.74 -18.04
C ILE A 66 -3.85 16.20 -17.17
N LEU A 67 -3.42 15.30 -16.27
CA LEU A 67 -2.36 15.60 -15.31
C LEU A 67 -1.21 14.61 -15.40
N ASP A 68 -0.03 15.06 -15.00
CA ASP A 68 1.16 14.23 -14.94
C ASP A 68 1.29 13.60 -13.56
N THR A 69 1.57 12.30 -13.53
CA THR A 69 1.71 11.55 -12.28
C THR A 69 3.18 11.49 -11.83
N CYS A 70 4.10 11.74 -12.76
CA CYS A 70 5.55 11.62 -12.55
C CYS A 70 5.97 10.24 -12.02
N SER A 71 5.19 9.22 -12.38
CA SER A 71 5.41 7.82 -11.95
C SER A 71 5.43 7.62 -10.43
N ARG A 72 4.93 8.61 -9.70
CA ARG A 72 4.88 8.56 -8.24
C ARG A 72 3.45 8.69 -7.74
N ASP A 73 3.05 7.77 -6.86
CA ASP A 73 1.71 7.78 -6.27
C ASP A 73 1.48 8.94 -5.30
N THR A 74 2.56 9.40 -4.66
CA THR A 74 2.51 10.56 -3.77
C THR A 74 2.29 11.86 -4.55
N TYR A 75 2.95 11.97 -5.70
CA TYR A 75 2.80 13.11 -6.60
C TYR A 75 1.42 13.09 -7.25
N ALA A 76 0.96 11.90 -7.62
CA ALA A 76 -0.35 11.71 -8.27
C ALA A 76 -1.53 12.01 -7.34
N LEU A 77 -1.33 11.80 -6.03
CA LEU A 77 -2.35 12.09 -5.04
C LEU A 77 -2.59 13.60 -4.91
N GLU A 78 -1.51 14.38 -4.99
CA GLU A 78 -1.58 15.85 -4.98
C GLU A 78 -2.36 16.37 -6.18
N GLN A 79 -2.08 15.79 -7.35
CA GLN A 79 -2.73 16.16 -8.60
C GLN A 79 -4.20 15.78 -8.60
N SER A 80 -4.51 14.63 -8.00
CA SER A 80 -5.88 14.10 -7.96
C SER A 80 -6.83 14.93 -7.10
N LEU A 81 -6.28 15.80 -6.27
CA LEU A 81 -7.07 16.71 -5.43
C LEU A 81 -7.79 17.77 -6.26
N THR A 82 -7.26 18.04 -7.46
CA THR A 82 -7.89 19.00 -8.38
C THR A 82 -9.19 18.44 -8.98
N PHE A 83 -9.30 17.12 -8.99
CA PHE A 83 -10.51 16.44 -9.46
C PHE A 83 -11.69 16.59 -8.49
N VAL A 84 -11.39 16.93 -7.24
CA VAL A 84 -12.41 16.98 -6.18
C VAL A 84 -12.44 18.31 -5.42
N GLN A 85 -13.61 18.67 -4.90
CA GLN A 85 -13.76 19.85 -4.03
C GLN A 85 -14.88 19.68 -3.00
N ALA A 86 -16.03 19.19 -3.44
CA ALA A 86 -17.19 18.97 -2.57
C ALA A 86 -18.09 17.87 -3.13
N LYS A 110 -16.33 20.45 -12.81
CA LYS A 110 -16.68 19.13 -12.30
C LYS A 110 -16.12 18.01 -13.18
N ILE A 111 -15.43 17.08 -12.53
CA ILE A 111 -14.90 15.88 -13.18
C ILE A 111 -15.87 14.73 -12.96
N SER A 112 -16.35 14.15 -14.05
CA SER A 112 -17.33 13.05 -13.96
C SER A 112 -16.73 11.69 -14.30
N GLY A 113 -15.49 11.69 -14.80
CA GLY A 113 -14.78 10.46 -15.14
C GLY A 113 -13.28 10.66 -15.22
N VAL A 114 -12.54 9.62 -14.81
CA VAL A 114 -11.08 9.66 -14.83
C VAL A 114 -10.49 8.50 -15.65
N ILE A 115 -9.58 8.83 -16.55
CA ILE A 115 -8.83 7.83 -17.31
C ILE A 115 -7.42 7.73 -16.73
N GLY A 116 -7.05 6.52 -16.33
CA GLY A 116 -5.74 6.26 -15.72
C GLY A 116 -5.85 5.46 -14.43
N ALA A 117 -4.72 5.25 -13.76
CA ALA A 117 -3.41 5.70 -14.23
C ALA A 117 -2.70 4.59 -15.00
N ALA A 118 -1.37 4.62 -15.01
CA ALA A 118 -0.57 3.58 -15.65
C ALA A 118 -0.06 2.57 -14.61
N ALA A 119 0.71 3.05 -13.64
CA ALA A 119 1.22 2.20 -12.57
C ALA A 119 0.09 1.84 -11.60
N SER A 120 0.12 0.59 -11.14
CA SER A 120 -0.92 0.06 -10.25
C SER A 120 -0.97 0.78 -8.90
N SER A 121 0.19 1.01 -8.30
CA SER A 121 0.29 1.70 -7.02
C SER A 121 -0.26 3.14 -7.12
N VAL A 122 -0.05 3.75 -8.28
CA VAL A 122 -0.57 5.08 -8.57
C VAL A 122 -2.09 5.03 -8.68
N SER A 123 -2.60 4.08 -9.47
CA SER A 123 -4.05 3.88 -9.63
C SER A 123 -4.77 3.56 -8.33
N ILE A 124 -4.11 2.80 -7.47
CA ILE A 124 -4.66 2.42 -6.16
C ILE A 124 -4.84 3.63 -5.24
N MET A 125 -3.81 4.48 -5.16
CA MET A 125 -3.85 5.65 -4.28
C MET A 125 -4.89 6.67 -4.74
N VAL A 126 -5.04 6.81 -6.05
CA VAL A 126 -6.04 7.70 -6.64
C VAL A 126 -7.45 7.14 -6.43
N ALA A 127 -7.60 5.82 -6.60
CA ALA A 127 -8.87 5.14 -6.40
C ALA A 127 -9.39 5.26 -4.96
N ASN A 128 -8.47 5.38 -4.00
CA ASN A 128 -8.81 5.59 -2.60
C ASN A 128 -9.63 6.85 -2.38
N ILE A 129 -9.21 7.94 -3.01
CA ILE A 129 -9.88 9.23 -2.86
C ILE A 129 -11.06 9.41 -3.82
N LEU A 130 -10.99 8.78 -4.99
CA LEU A 130 -12.05 8.89 -6.00
C LEU A 130 -13.36 8.22 -5.60
N ARG A 131 -13.26 7.14 -4.84
CA ARG A 131 -14.44 6.40 -4.38
C ARG A 131 -15.21 7.13 -3.28
N LEU A 132 -14.51 8.02 -2.58
CA LEU A 132 -15.13 8.82 -1.52
C LEU A 132 -15.98 9.93 -2.12
N PHE A 133 -15.57 10.41 -3.29
CA PHE A 133 -16.30 11.44 -4.02
C PHE A 133 -17.04 10.85 -5.23
N LYS A 134 -17.05 9.53 -5.29
CA LYS A 134 -17.82 8.75 -6.27
C LYS A 134 -17.55 9.13 -7.73
N ILE A 135 -16.27 9.08 -8.11
CA ILE A 135 -15.86 9.32 -9.49
C ILE A 135 -15.36 8.01 -10.11
N PRO A 136 -16.03 7.56 -11.19
CA PRO A 136 -15.63 6.33 -11.89
C PRO A 136 -14.25 6.46 -12.52
N GLN A 137 -13.51 5.35 -12.52
CA GLN A 137 -12.15 5.33 -13.02
C GLN A 137 -11.92 4.14 -13.95
N ILE A 138 -11.39 4.41 -15.13
CA ILE A 138 -11.01 3.37 -16.07
C ILE A 138 -9.51 3.48 -16.37
N SER A 139 -8.77 2.41 -16.07
CA SER A 139 -7.33 2.37 -16.31
C SER A 139 -7.01 1.72 -17.66
N TYR A 140 -5.83 2.06 -18.18
CA TYR A 140 -5.38 1.55 -19.47
C TYR A 140 -4.18 0.62 -19.34
N ALA A 141 -3.57 0.57 -18.16
CA ALA A 141 -2.32 -0.16 -17.96
C ALA A 141 -2.24 -0.95 -16.64
N SER A 142 -2.93 -0.47 -15.61
CA SER A 142 -2.83 -1.04 -14.26
C SER A 142 -3.40 -2.46 -14.18
N THR A 143 -2.56 -3.41 -13.78
CA THR A 143 -2.90 -4.83 -13.86
C THR A 143 -2.88 -5.59 -12.52
N ALA A 144 -2.65 -4.88 -11.41
CA ALA A 144 -2.61 -5.52 -10.09
C ALA A 144 -3.94 -6.16 -9.71
N PRO A 145 -3.91 -7.42 -9.22
CA PRO A 145 -5.10 -8.18 -8.85
C PRO A 145 -5.99 -7.52 -7.80
N GLU A 146 -5.39 -6.77 -6.88
CA GLU A 146 -6.12 -6.14 -5.76
C GLU A 146 -7.20 -5.15 -6.22
N LEU A 147 -7.03 -4.60 -7.41
CA LEU A 147 -7.97 -3.62 -7.97
C LEU A 147 -9.31 -4.21 -8.41
N SER A 148 -9.37 -5.54 -8.44
CA SER A 148 -10.60 -6.25 -8.81
C SER A 148 -11.63 -6.27 -7.67
N ASP A 149 -11.17 -6.00 -6.45
CA ASP A 149 -12.03 -6.04 -5.27
C ASP A 149 -13.00 -4.86 -5.22
N ASN A 150 -14.29 -5.17 -5.30
CA ASN A 150 -15.34 -4.15 -5.25
C ASN A 150 -15.63 -3.65 -3.83
N THR A 151 -14.83 -4.12 -2.86
CA THR A 151 -14.94 -3.64 -1.48
C THR A 151 -13.99 -2.46 -1.27
N ARG A 152 -12.78 -2.57 -1.80
CA ARG A 152 -11.76 -1.54 -1.66
C ARG A 152 -11.84 -0.51 -2.78
N TYR A 153 -12.12 -0.96 -4.00
CA TYR A 153 -12.13 -0.09 -5.18
C TYR A 153 -13.32 -0.39 -6.08
N ASP A 154 -14.51 -0.03 -5.62
CA ASP A 154 -15.76 -0.29 -6.35
C ASP A 154 -15.95 0.57 -7.59
N PHE A 155 -15.36 1.77 -7.58
CA PHE A 155 -15.47 2.70 -8.71
C PHE A 155 -14.33 2.56 -9.72
N PHE A 156 -13.53 1.50 -9.59
CA PHE A 156 -12.42 1.24 -10.49
C PHE A 156 -12.76 0.19 -11.53
N SER A 157 -12.38 0.47 -12.78
CA SER A 157 -12.48 -0.48 -13.88
C SER A 157 -11.21 -0.40 -14.72
N ARG A 158 -11.03 -1.39 -15.60
CA ARG A 158 -9.86 -1.44 -16.47
C ARG A 158 -10.12 -2.23 -17.76
N VAL A 159 -9.50 -1.78 -18.85
CA VAL A 159 -9.60 -2.45 -20.13
C VAL A 159 -8.48 -3.49 -20.33
N VAL A 160 -7.62 -3.60 -19.32
CA VAL A 160 -6.57 -4.63 -19.28
C VAL A 160 -6.90 -5.69 -18.23
N PRO A 161 -6.50 -6.95 -18.48
CA PRO A 161 -6.79 -8.03 -17.53
C PRO A 161 -5.92 -7.96 -16.27
N PRO A 162 -6.43 -8.49 -15.13
CA PRO A 162 -5.64 -8.56 -13.89
C PRO A 162 -4.48 -9.55 -13.99
N ASP A 163 -3.46 -9.34 -13.15
CA ASP A 163 -2.25 -10.16 -13.16
C ASP A 163 -2.44 -11.62 -12.72
N SER A 164 -3.66 -11.94 -12.27
CA SER A 164 -4.04 -13.32 -11.97
C SER A 164 -3.82 -14.21 -13.18
N TYR A 165 -4.18 -13.69 -14.35
CA TYR A 165 -4.07 -14.42 -15.61
C TYR A 165 -2.65 -14.41 -16.17
N GLN A 166 -1.99 -13.26 -16.06
CA GLN A 166 -0.62 -13.11 -16.58
C GLN A 166 0.38 -13.99 -15.83
N ALA A 167 0.23 -14.08 -14.52
CA ALA A 167 1.08 -14.95 -13.69
C ALA A 167 0.83 -16.42 -14.02
N GLN A 168 -0.43 -16.76 -14.29
CA GLN A 168 -0.79 -18.11 -14.71
C GLN A 168 -0.21 -18.43 -16.10
N ALA A 169 -0.23 -17.43 -16.97
CA ALA A 169 0.38 -17.54 -18.30
C ALA A 169 1.88 -17.78 -18.18
N MET A 170 2.53 -17.05 -17.28
CA MET A 170 3.97 -17.17 -17.02
C MET A 170 4.35 -18.55 -16.47
N VAL A 171 3.52 -19.10 -15.60
CA VAL A 171 3.71 -20.43 -15.05
C VAL A 171 3.70 -21.49 -16.17
N ASP A 172 2.72 -21.38 -17.07
CA ASP A 172 2.57 -22.30 -18.20
C ASP A 172 3.77 -22.26 -19.16
N ILE A 173 4.28 -21.06 -19.41
CA ILE A 173 5.46 -20.86 -20.26
C ILE A 173 6.67 -21.52 -19.63
N VAL A 174 6.86 -21.28 -18.34
CA VAL A 174 7.93 -21.86 -17.55
C VAL A 174 7.82 -23.40 -17.50
N THR A 175 6.59 -23.89 -17.39
CA THR A 175 6.32 -25.34 -17.38
C THR A 175 6.63 -25.94 -18.74
N ALA A 176 6.21 -25.28 -19.81
CA ALA A 176 6.42 -25.75 -21.18
C ALA A 176 7.89 -25.80 -21.57
N LEU A 177 8.65 -24.79 -21.13
CA LEU A 177 10.08 -24.70 -21.43
C LEU A 177 10.93 -25.65 -20.58
N GLY A 178 10.33 -26.16 -19.50
CA GLY A 178 11.01 -27.11 -18.61
C GLY A 178 11.88 -26.45 -17.56
N TRP A 179 11.74 -25.13 -17.41
CA TRP A 179 12.51 -24.39 -16.43
C TRP A 179 11.85 -24.46 -15.06
N ASN A 180 12.09 -25.57 -14.36
CA ASN A 180 11.45 -25.81 -13.07
C ASN A 180 12.16 -25.17 -11.88
N TYR A 181 13.29 -24.51 -12.15
CA TYR A 181 14.06 -23.82 -11.11
C TYR A 181 14.25 -22.36 -11.52
N VAL A 182 13.45 -21.47 -10.93
CA VAL A 182 13.40 -20.06 -11.33
C VAL A 182 13.62 -19.08 -10.18
N SER A 183 14.08 -17.88 -10.52
CA SER A 183 14.14 -16.78 -9.57
C SER A 183 13.13 -15.71 -9.96
N THR A 184 12.74 -14.88 -9.00
CA THR A 184 11.77 -13.81 -9.25
C THR A 184 12.36 -12.45 -8.93
N LEU A 185 12.07 -11.48 -9.80
CA LEU A 185 12.53 -10.10 -9.62
C LEU A 185 11.35 -9.15 -9.71
N ALA A 186 11.24 -8.27 -8.72
CA ALA A 186 10.10 -7.36 -8.61
C ALA A 186 10.52 -5.94 -8.23
N SER A 187 9.83 -4.96 -8.80
CA SER A 187 9.98 -3.57 -8.39
C SER A 187 9.15 -3.32 -7.14
N GLU A 188 9.67 -2.49 -6.24
CA GLU A 188 8.94 -2.11 -5.02
C GLU A 188 7.65 -1.40 -5.40
N GLY A 189 6.55 -1.86 -4.83
CA GLY A 189 5.22 -1.35 -5.16
C GLY A 189 4.24 -2.47 -5.41
N ASN A 190 2.96 -2.10 -5.58
CA ASN A 190 1.88 -3.07 -5.71
C ASN A 190 1.99 -3.98 -6.93
N TYR A 191 2.35 -3.41 -8.08
CA TYR A 191 2.43 -4.17 -9.33
C TYR A 191 3.49 -5.27 -9.28
N GLY A 192 4.70 -4.91 -8.88
CA GLY A 192 5.82 -5.85 -8.81
C GLY A 192 5.64 -6.92 -7.75
N GLU A 193 5.40 -6.48 -6.51
CA GLU A 193 5.29 -7.38 -5.36
C GLU A 193 4.13 -8.37 -5.46
N SER A 194 2.95 -7.88 -5.82
CA SER A 194 1.76 -8.73 -5.91
C SER A 194 1.67 -9.51 -7.22
N GLY A 195 2.47 -9.11 -8.20
CA GLY A 195 2.62 -9.86 -9.45
C GLY A 195 3.43 -11.12 -9.20
N VAL A 196 4.53 -10.95 -8.47
CA VAL A 196 5.40 -12.06 -8.07
C VAL A 196 4.71 -13.00 -7.08
N GLU A 197 3.94 -12.42 -6.16
CA GLU A 197 3.19 -13.18 -5.16
C GLU A 197 2.19 -14.13 -5.83
N ALA A 198 1.53 -13.64 -6.87
CA ALA A 198 0.59 -14.44 -7.66
C ALA A 198 1.29 -15.61 -8.35
N PHE A 199 2.48 -15.36 -8.87
CA PHE A 199 3.31 -16.39 -9.50
C PHE A 199 3.76 -17.42 -8.48
N THR A 200 4.12 -16.94 -7.29
CA THR A 200 4.58 -17.80 -6.19
C THR A 200 3.45 -18.67 -5.64
N GLN A 201 2.25 -18.08 -5.53
CA GLN A 201 1.09 -18.78 -4.98
C GLN A 201 0.63 -19.92 -5.89
N ILE A 202 0.63 -19.68 -7.20
CA ILE A 202 0.27 -20.72 -8.19
C ILE A 202 1.29 -21.85 -8.18
N SER A 203 2.57 -21.49 -8.10
CA SER A 203 3.67 -22.46 -8.06
C SER A 203 3.63 -23.36 -6.82
N ARG A 204 3.16 -22.81 -5.70
CA ARG A 204 3.07 -23.52 -4.44
C ARG A 204 1.89 -24.49 -4.43
N GLU A 205 0.79 -24.10 -5.08
CA GLU A 205 -0.46 -24.86 -5.06
C GLU A 205 -0.45 -26.08 -5.98
N ILE A 206 0.20 -25.95 -7.13
CA ILE A 206 0.22 -27.01 -8.15
C ILE A 206 1.48 -26.94 -9.01
N GLY A 207 1.96 -28.10 -9.45
CA GLY A 207 3.11 -28.18 -10.36
C GLY A 207 4.43 -28.43 -9.66
N GLY A 208 5.47 -28.64 -10.46
CA GLY A 208 6.81 -28.89 -9.95
C GLY A 208 7.79 -27.77 -10.22
N VAL A 209 7.29 -26.54 -10.24
CA VAL A 209 8.12 -25.35 -10.44
C VAL A 209 8.55 -24.81 -9.07
N SER A 210 9.86 -24.72 -8.87
CA SER A 210 10.44 -24.28 -7.61
C SER A 210 11.09 -22.91 -7.76
N ILE A 211 11.03 -22.11 -6.69
CA ILE A 211 11.61 -20.77 -6.68
C ILE A 211 12.88 -20.71 -5.82
N ALA A 212 13.99 -20.37 -6.47
CA ALA A 212 15.29 -20.29 -5.82
C ALA A 212 15.39 -19.11 -4.86
N GLN A 213 15.07 -17.92 -5.37
CA GLN A 213 15.13 -16.69 -4.57
C GLN A 213 14.18 -15.63 -5.12
N SER A 214 13.74 -14.75 -4.22
CA SER A 214 12.92 -13.60 -4.60
C SER A 214 13.66 -12.31 -4.28
N GLN A 215 13.90 -11.52 -5.33
CA GLN A 215 14.61 -10.25 -5.18
C GLN A 215 13.68 -9.06 -5.42
N LYS A 216 13.95 -7.97 -4.70
CA LYS A 216 13.14 -6.76 -4.79
C LYS A 216 14.01 -5.56 -5.14
N ILE A 217 13.61 -4.82 -6.17
CA ILE A 217 14.29 -3.60 -6.58
C ILE A 217 13.74 -2.43 -5.75
N PRO A 218 14.64 -1.72 -5.02
CA PRO A 218 14.22 -0.58 -4.20
C PRO A 218 13.59 0.54 -5.01
N ARG A 219 12.65 1.26 -4.38
CA ARG A 219 11.96 2.37 -5.03
C ARG A 219 12.90 3.56 -5.24
N GLU A 220 13.79 3.79 -4.28
CA GLU A 220 14.81 4.83 -4.39
C GLU A 220 16.21 4.20 -4.25
N PRO A 221 16.74 3.64 -5.34
CA PRO A 221 18.00 2.89 -5.29
C PRO A 221 19.24 3.77 -5.16
N ARG A 222 20.20 3.31 -4.36
CA ARG A 222 21.49 3.96 -4.21
C ARG A 222 22.39 3.63 -5.40
N PRO A 223 23.47 4.41 -5.62
CA PRO A 223 24.39 4.10 -6.72
C PRO A 223 25.05 2.73 -6.56
N GLY A 224 24.93 1.89 -7.58
CA GLY A 224 25.49 0.55 -7.57
C GLY A 224 24.52 -0.54 -7.11
N GLU A 225 23.25 -0.17 -6.97
CA GLU A 225 22.21 -1.09 -6.50
C GLU A 225 21.88 -2.18 -7.52
N PHE A 226 21.86 -1.80 -8.80
CA PHE A 226 21.48 -2.72 -9.87
C PHE A 226 22.55 -3.78 -10.15
N GLU A 227 23.82 -3.44 -9.91
CA GLU A 227 24.91 -4.40 -9.99
C GLU A 227 24.85 -5.38 -8.81
N LYS A 228 24.42 -4.89 -7.66
CA LYS A 228 24.25 -5.71 -6.46
C LYS A 228 23.12 -6.74 -6.62
N ILE A 229 22.07 -6.34 -7.34
CA ILE A 229 20.94 -7.22 -7.62
C ILE A 229 21.34 -8.38 -8.55
N ILE A 230 22.05 -8.06 -9.62
CA ILE A 230 22.56 -9.07 -10.56
C ILE A 230 23.48 -10.07 -9.85
N LYS A 231 24.33 -9.56 -8.95
CA LYS A 231 25.23 -10.41 -8.17
C LYS A 231 24.50 -11.30 -7.17
N ARG A 232 23.36 -10.83 -6.67
CA ARG A 232 22.51 -11.63 -5.79
C ARG A 232 21.80 -12.75 -6.55
N LEU A 233 21.46 -12.48 -7.81
CA LEU A 233 20.84 -13.48 -8.70
C LEU A 233 21.84 -14.57 -9.09
N LEU A 234 23.12 -14.22 -9.11
CA LEU A 234 24.19 -15.16 -9.42
C LEU A 234 24.50 -16.09 -8.23
N GLU A 235 23.96 -15.75 -7.06
CA GLU A 235 24.12 -16.58 -5.86
C GLU A 235 23.29 -17.87 -5.92
N THR A 236 22.48 -18.00 -6.97
CA THR A 236 21.85 -19.27 -7.34
C THR A 236 22.09 -19.50 -8.84
N PRO A 237 23.30 -19.98 -9.21
CA PRO A 237 23.73 -20.11 -10.59
C PRO A 237 22.87 -21.04 -11.46
N ASN A 238 22.24 -22.03 -10.84
CA ASN A 238 21.35 -22.97 -11.55
C ASN A 238 20.07 -22.30 -12.04
N ALA A 239 19.54 -21.38 -11.24
CA ALA A 239 18.36 -20.61 -11.61
C ALA A 239 18.73 -19.51 -12.60
N ARG A 240 18.72 -19.88 -13.89
CA ARG A 240 19.03 -18.96 -14.97
C ARG A 240 17.79 -18.14 -15.36
N ALA A 241 16.63 -18.75 -15.24
CA ALA A 241 15.37 -18.11 -15.59
C ALA A 241 14.92 -17.15 -14.50
N VAL A 242 14.59 -15.93 -14.89
CA VAL A 242 14.15 -14.89 -13.97
C VAL A 242 12.79 -14.33 -14.40
N ILE A 243 11.78 -14.52 -13.54
CA ILE A 243 10.46 -13.92 -13.74
C ILE A 243 10.52 -12.47 -13.24
N MET A 244 10.16 -11.54 -14.12
CA MET A 244 10.38 -10.13 -13.84
C MET A 244 9.11 -9.28 -13.93
N PHE A 245 8.72 -8.72 -12.78
CA PHE A 245 7.65 -7.73 -12.69
C PHE A 245 8.25 -6.39 -12.28
N ALA A 246 8.79 -5.66 -13.25
CA ALA A 246 9.47 -4.40 -12.99
C ALA A 246 9.07 -3.34 -14.02
N ASN A 247 9.10 -2.08 -13.60
CA ASN A 247 8.78 -0.96 -14.50
C ASN A 247 9.89 -0.69 -15.53
N GLU A 248 9.54 0.08 -16.58
CA GLU A 248 10.44 0.41 -17.68
C GLU A 248 11.87 0.72 -17.24
N ASP A 249 12.01 1.70 -16.36
CA ASP A 249 13.31 2.23 -15.94
C ASP A 249 14.15 1.19 -15.20
N ASP A 250 13.50 0.39 -14.36
CA ASP A 250 14.17 -0.66 -13.60
C ASP A 250 14.71 -1.77 -14.49
N ILE A 251 13.93 -2.16 -15.51
CA ILE A 251 14.35 -3.19 -16.47
C ILE A 251 15.59 -2.73 -17.24
N ARG A 252 15.59 -1.48 -17.69
CA ARG A 252 16.71 -0.90 -18.42
C ARG A 252 18.02 -0.96 -17.62
N ARG A 253 17.95 -0.56 -16.36
CA ARG A 253 19.12 -0.51 -15.49
C ARG A 253 19.60 -1.89 -15.03
N ILE A 254 18.67 -2.85 -14.96
CA ILE A 254 18.98 -4.25 -14.68
C ILE A 254 19.76 -4.87 -15.84
N LEU A 255 19.31 -4.61 -17.06
CA LEU A 255 19.97 -5.08 -18.28
C LEU A 255 21.29 -4.35 -18.52
N GLU A 256 21.37 -3.11 -18.04
CA GLU A 256 22.59 -2.31 -18.12
C GLU A 256 23.67 -2.90 -17.21
N ALA A 257 23.26 -3.29 -15.99
CA ALA A 257 24.14 -3.91 -15.03
C ALA A 257 24.61 -5.29 -15.48
N ALA A 258 23.71 -6.04 -16.12
CA ALA A 258 24.02 -7.35 -16.67
C ALA A 258 25.03 -7.27 -17.82
N LYS A 259 24.94 -6.21 -18.60
CA LYS A 259 25.89 -5.95 -19.69
C LYS A 259 27.24 -5.52 -19.12
N LYS A 260 27.20 -4.66 -18.10
CA LYS A 260 28.40 -4.14 -17.44
C LYS A 260 29.17 -5.26 -16.76
N LEU A 261 28.46 -6.19 -16.14
CA LEU A 261 29.06 -7.35 -15.49
C LEU A 261 29.27 -8.52 -16.46
N GLN A 262 29.03 -8.27 -17.75
CA GLN A 262 29.22 -9.24 -18.83
C GLN A 262 28.53 -10.58 -18.54
N GLN A 263 27.21 -10.59 -18.62
CA GLN A 263 26.42 -11.78 -18.28
C GLN A 263 25.48 -12.21 -19.40
N SER A 264 25.81 -11.84 -20.64
CA SER A 264 24.99 -12.19 -21.80
C SER A 264 24.96 -13.70 -22.03
N GLY A 265 23.75 -14.22 -22.25
CA GLY A 265 23.56 -15.64 -22.48
C GLY A 265 23.12 -16.42 -21.24
N HIS A 266 23.54 -15.94 -20.06
CA HIS A 266 23.27 -16.62 -18.80
C HIS A 266 21.81 -16.53 -18.36
N PHE A 267 21.32 -15.30 -18.17
CA PHE A 267 19.97 -15.06 -17.69
C PHE A 267 18.92 -15.30 -18.76
N LEU A 268 17.87 -16.03 -18.39
CA LEU A 268 16.73 -16.27 -19.27
C LEU A 268 15.55 -15.45 -18.75
N TRP A 269 15.36 -14.27 -19.32
CA TRP A 269 14.37 -13.32 -18.83
C TRP A 269 12.94 -13.68 -19.23
N ILE A 270 12.05 -13.70 -18.23
CA ILE A 270 10.61 -13.77 -18.44
C ILE A 270 10.02 -12.43 -17.99
N GLY A 271 9.58 -11.63 -18.95
CA GLY A 271 9.10 -10.28 -18.67
C GLY A 271 7.59 -10.13 -18.77
N SER A 272 7.02 -9.34 -17.88
CA SER A 272 5.59 -9.05 -17.87
C SER A 272 5.24 -7.91 -18.84
N ASP A 273 4.00 -7.44 -18.78
CA ASP A 273 3.50 -6.41 -19.70
C ASP A 273 4.24 -5.08 -19.59
N SER A 274 4.87 -4.83 -18.44
CA SER A 274 5.71 -3.65 -18.25
C SER A 274 6.97 -3.70 -19.10
N TRP A 275 7.39 -4.91 -19.47
CA TRP A 275 8.42 -5.11 -20.48
C TRP A 275 7.75 -5.12 -21.85
N GLY A 276 6.78 -6.02 -22.03
CA GLY A 276 6.02 -6.15 -23.27
C GLY A 276 6.88 -6.17 -24.52
N SER A 277 6.49 -5.40 -25.52
CA SER A 277 7.27 -5.26 -26.75
C SER A 277 7.78 -3.83 -26.88
N LYS A 278 8.30 -3.30 -25.77
CA LYS A 278 8.70 -1.90 -25.67
C LYS A 278 10.17 -1.67 -26.05
N ILE A 279 10.43 -0.48 -26.59
CA ILE A 279 11.77 -0.11 -27.07
C ILE A 279 12.66 0.45 -25.95
N ALA A 280 12.04 1.03 -24.93
CA ALA A 280 12.74 1.73 -23.85
C ALA A 280 13.81 0.91 -23.12
N PRO A 281 13.49 -0.34 -22.70
CA PRO A 281 14.51 -1.10 -21.97
C PRO A 281 15.59 -1.73 -22.85
N VAL A 282 15.33 -1.87 -24.15
CA VAL A 282 16.24 -2.59 -25.05
C VAL A 282 17.09 -1.68 -25.95
N TYR A 283 16.78 -0.38 -25.95
CA TYR A 283 17.49 0.58 -26.78
C TYR A 283 18.96 0.69 -26.40
N GLN A 284 19.83 0.50 -27.39
CA GLN A 284 21.29 0.49 -27.21
C GLN A 284 21.81 -0.67 -26.36
N GLN A 285 20.90 -1.55 -25.95
CA GLN A 285 21.22 -2.74 -25.15
C GLN A 285 20.59 -3.97 -25.79
N GLU A 286 20.67 -4.05 -27.12
CA GLU A 286 20.02 -5.11 -27.89
C GLU A 286 20.57 -6.51 -27.59
N GLU A 287 21.89 -6.60 -27.42
CA GLU A 287 22.57 -7.88 -27.25
C GLU A 287 22.27 -8.57 -25.91
N ILE A 288 22.24 -7.81 -24.83
CA ILE A 288 21.99 -8.34 -23.50
C ILE A 288 20.55 -8.81 -23.29
N ALA A 289 19.63 -8.28 -24.09
CA ALA A 289 18.21 -8.60 -24.00
C ALA A 289 17.78 -9.72 -24.95
N GLU A 290 18.73 -10.26 -25.72
CA GLU A 290 18.44 -11.32 -26.69
C GLU A 290 17.96 -12.60 -26.02
N GLY A 291 16.83 -13.13 -26.53
CA GLY A 291 16.26 -14.37 -26.01
C GLY A 291 15.16 -14.17 -24.98
N ALA A 292 15.00 -12.93 -24.52
CA ALA A 292 14.03 -12.60 -23.48
C ALA A 292 12.59 -12.84 -23.91
N VAL A 293 11.87 -13.61 -23.11
CA VAL A 293 10.45 -13.92 -23.36
C VAL A 293 9.59 -12.87 -22.64
N THR A 294 8.66 -12.26 -23.37
CA THR A 294 7.81 -11.22 -22.81
C THR A 294 6.32 -11.44 -23.08
N ILE A 295 5.49 -10.92 -22.18
CA ILE A 295 4.03 -11.07 -22.28
C ILE A 295 3.38 -9.69 -22.41
N LEU A 296 2.26 -9.63 -23.12
CA LEU A 296 1.48 -8.41 -23.30
C LEU A 296 0.05 -8.78 -23.64
N PRO A 297 -0.94 -8.04 -23.08
CA PRO A 297 -2.35 -8.25 -23.43
C PRO A 297 -2.59 -8.06 -24.93
N LYS A 298 -3.56 -8.80 -25.47
CA LYS A 298 -3.91 -8.75 -26.89
C LYS A 298 -4.18 -7.32 -27.35
N ARG A 299 -3.43 -6.88 -28.35
CA ARG A 299 -3.57 -5.54 -28.91
C ARG A 299 -3.11 -5.48 -30.36
N ALA A 300 -3.53 -4.43 -31.06
CA ALA A 300 -3.10 -4.16 -32.42
C ALA A 300 -2.73 -2.69 -32.56
N SER A 301 -1.85 -2.40 -33.53
CA SER A 301 -1.48 -1.04 -33.86
C SER A 301 -2.63 -0.37 -34.60
N ILE A 302 -2.97 0.85 -34.20
CA ILE A 302 -4.07 1.60 -34.81
C ILE A 302 -3.52 2.64 -35.78
N ASP A 303 -3.88 2.46 -37.06
CA ASP A 303 -3.38 3.32 -38.15
C ASP A 303 -3.82 4.78 -37.98
N GLY A 304 -5.03 4.96 -37.44
CA GLY A 304 -5.60 6.30 -37.24
C GLY A 304 -4.77 7.19 -36.33
N PHE A 305 -4.27 6.60 -35.24
CA PHE A 305 -3.42 7.33 -34.28
C PHE A 305 -2.06 7.69 -34.88
N ASP A 306 -1.51 6.78 -35.70
CA ASP A 306 -0.24 7.01 -36.38
C ASP A 306 -0.31 8.23 -37.30
N ARG A 307 -1.41 8.35 -38.05
CA ARG A 307 -1.62 9.50 -38.95
C ARG A 307 -1.72 10.80 -38.16
N TYR A 308 -2.33 10.74 -36.98
CA TYR A 308 -2.49 11.89 -36.10
C TYR A 308 -1.17 12.32 -35.45
N PHE A 309 -0.45 11.35 -34.88
CA PHE A 309 0.77 11.64 -34.11
C PHE A 309 1.94 12.11 -34.98
N ARG A 310 2.02 11.58 -36.20
CA ARG A 310 3.09 11.96 -37.15
C ARG A 310 2.97 13.40 -37.63
N SER A 311 1.73 13.86 -37.78
CA SER A 311 1.46 15.21 -38.28
C SER A 311 1.48 16.28 -37.18
N ARG A 312 1.87 15.88 -35.97
CA ARG A 312 1.99 16.81 -34.86
C ARG A 312 3.26 17.65 -34.96
N THR A 313 3.11 18.96 -34.83
CA THR A 313 4.23 19.89 -34.86
C THR A 313 4.19 20.78 -33.61
N LEU A 314 5.22 21.60 -33.43
CA LEU A 314 5.26 22.57 -32.35
C LEU A 314 4.18 23.65 -32.53
N ALA A 315 3.76 23.86 -33.76
CA ALA A 315 2.82 24.90 -34.12
C ALA A 315 1.35 24.51 -33.90
N ASN A 316 1.00 23.28 -34.29
CA ASN A 316 -0.39 22.83 -34.21
C ASN A 316 -0.78 22.12 -32.91
N ASN A 317 0.22 21.66 -32.16
CA ASN A 317 -0.02 20.92 -30.92
C ASN A 317 0.25 21.74 -29.66
N ARG A 318 -0.38 22.91 -29.58
CA ARG A 318 -0.25 23.79 -28.42
C ARG A 318 -1.02 23.28 -27.21
N ARG A 319 -2.01 22.40 -27.46
CA ARG A 319 -2.78 21.74 -26.40
C ARG A 319 -1.85 21.05 -25.41
N ASN A 320 -0.95 20.22 -25.93
CA ASN A 320 0.00 19.46 -25.14
C ASN A 320 1.08 20.38 -24.57
N VAL A 321 0.98 20.65 -23.27
CA VAL A 321 1.89 21.57 -22.58
C VAL A 321 3.29 20.98 -22.39
N TRP A 322 3.42 19.67 -22.62
CA TRP A 322 4.70 18.97 -22.50
C TRP A 322 5.33 18.63 -23.85
N PHE A 323 4.67 19.05 -24.93
CA PHE A 323 5.09 18.70 -26.30
C PHE A 323 6.40 19.37 -26.72
N ALA A 324 6.64 20.58 -26.20
CA ALA A 324 7.90 21.29 -26.45
C ALA A 324 9.09 20.55 -25.83
N GLU A 325 8.88 20.02 -24.62
CA GLU A 325 9.89 19.22 -23.93
C GLU A 325 10.12 17.89 -24.64
N PHE A 326 9.03 17.29 -25.13
CA PHE A 326 9.08 16.06 -25.93
C PHE A 326 9.87 16.27 -27.21
N TRP A 327 9.71 17.45 -27.82
CA TRP A 327 10.39 17.80 -29.07
C TRP A 327 11.91 17.82 -28.90
N GLU A 328 12.36 18.45 -27.82
CA GLU A 328 13.80 18.53 -27.50
C GLU A 328 14.39 17.15 -27.23
N GLU A 329 13.62 16.30 -26.56
CA GLU A 329 14.06 14.96 -26.20
C GLU A 329 14.04 14.01 -27.40
N ASN A 330 13.03 14.17 -28.26
CA ASN A 330 12.82 13.28 -29.41
C ASN A 330 13.83 13.49 -30.54
N PHE A 331 14.28 14.73 -30.72
CA PHE A 331 15.20 15.06 -31.81
C PHE A 331 16.61 15.41 -31.32
N GLY A 332 16.79 15.43 -30.00
CA GLY A 332 18.11 15.67 -29.39
C GLY A 332 18.66 17.07 -29.62
N CYS A 333 17.78 18.06 -29.48
CA CYS A 333 18.16 19.46 -29.69
C CYS A 333 17.63 20.36 -28.57
N LYS A 334 17.90 21.66 -28.68
CA LYS A 334 17.41 22.64 -27.71
C LYS A 334 16.62 23.75 -28.39
N LEU A 335 15.50 24.13 -27.79
CA LEU A 335 14.62 25.17 -28.35
C LEU A 335 15.12 26.56 -28.00
N LYS A 347 19.42 25.02 -31.65
CA LYS A 347 19.77 23.72 -32.23
C LYS A 347 18.61 23.12 -33.01
N CYS A 348 17.39 23.24 -32.48
CA CYS A 348 16.19 22.77 -33.18
C CYS A 348 15.83 23.72 -34.32
N THR A 349 15.70 23.16 -35.52
CA THR A 349 15.31 23.94 -36.70
C THR A 349 13.83 24.32 -36.65
N GLY A 350 13.03 23.53 -35.95
CA GLY A 350 11.59 23.74 -35.86
C GLY A 350 10.83 22.99 -36.94
N LEU A 351 11.55 22.56 -37.96
CA LEU A 351 10.96 21.87 -39.11
C LEU A 351 11.20 20.35 -39.06
N GLU A 352 11.45 19.83 -37.86
CA GLU A 352 11.63 18.39 -37.66
C GLU A 352 10.29 17.66 -37.81
N ARG A 353 10.36 16.37 -38.12
CA ARG A 353 9.16 15.57 -38.36
C ARG A 353 9.23 14.21 -37.67
N ILE A 354 8.13 13.83 -37.02
CA ILE A 354 8.01 12.54 -36.33
C ILE A 354 8.04 11.39 -37.34
N ALA A 355 8.73 10.30 -36.98
CA ALA A 355 8.87 9.09 -37.81
C ALA A 355 9.80 9.26 -39.01
N ARG A 356 10.19 10.50 -39.32
CA ARG A 356 11.10 10.80 -40.42
C ARG A 356 12.50 11.17 -39.93
N ASP A 357 12.55 12.16 -39.04
CA ASP A 357 13.83 12.64 -38.48
C ASP A 357 14.23 11.84 -37.23
N SER A 358 13.27 11.14 -36.64
CA SER A 358 13.52 10.27 -35.49
C SER A 358 12.76 8.95 -35.64
N SER A 359 13.26 7.91 -34.98
CA SER A 359 12.61 6.60 -35.00
C SER A 359 11.34 6.60 -34.17
N TYR A 360 10.25 6.08 -34.75
CA TYR A 360 8.96 6.04 -34.09
C TYR A 360 8.23 4.72 -34.30
N GLU A 361 7.69 4.19 -33.21
CA GLU A 361 6.74 3.09 -33.26
C GLU A 361 5.69 3.31 -32.19
N GLN A 362 4.43 3.06 -32.54
CA GLN A 362 3.31 3.23 -31.62
C GLN A 362 3.49 2.37 -30.37
N GLU A 363 3.30 2.99 -29.21
CA GLU A 363 3.38 2.31 -27.93
C GLU A 363 2.29 1.25 -27.83
N GLY A 364 2.61 0.10 -27.25
CA GLY A 364 1.72 -1.05 -27.20
C GLY A 364 0.36 -0.82 -26.57
N LYS A 365 0.30 0.06 -25.58
CA LYS A 365 -0.94 0.26 -24.82
C LYS A 365 -1.78 1.44 -25.31
N VAL A 366 -1.46 1.96 -26.50
CA VAL A 366 -2.22 3.05 -27.11
C VAL A 366 -3.68 2.64 -27.37
N GLN A 367 -3.86 1.40 -27.83
CA GLN A 367 -5.19 0.83 -28.05
C GLN A 367 -6.04 0.86 -26.77
N PHE A 368 -5.41 0.53 -25.64
CA PHE A 368 -6.08 0.46 -24.35
C PHE A 368 -6.49 1.84 -23.83
N VAL A 369 -5.69 2.86 -24.13
CA VAL A 369 -6.03 4.24 -23.77
C VAL A 369 -7.27 4.70 -24.53
N ILE A 370 -7.28 4.48 -25.85
CA ILE A 370 -8.39 4.86 -26.72
C ILE A 370 -9.68 4.15 -26.33
N ASP A 371 -9.58 2.84 -26.07
CA ASP A 371 -10.73 2.04 -25.67
C ASP A 371 -11.25 2.38 -24.27
N ALA A 372 -10.36 2.89 -23.41
CA ALA A 372 -10.75 3.37 -22.08
C ALA A 372 -11.54 4.67 -22.17
N VAL A 373 -11.17 5.53 -23.11
CA VAL A 373 -11.87 6.79 -23.36
C VAL A 373 -13.23 6.53 -24.02
N TYR A 374 -13.24 5.61 -24.98
CA TYR A 374 -14.47 5.21 -25.67
C TYR A 374 -15.47 4.51 -24.74
N SER A 375 -14.96 3.77 -23.77
CA SER A 375 -15.80 3.13 -22.75
C SER A 375 -16.53 4.16 -21.90
N MET A 376 -15.83 5.25 -21.58
CA MET A 376 -16.41 6.37 -20.84
C MET A 376 -17.43 7.10 -21.72
N ALA A 377 -17.15 7.18 -23.03
CA ALA A 377 -18.02 7.85 -23.98
C ALA A 377 -19.31 7.08 -24.24
N TYR A 378 -19.20 5.77 -24.44
CA TYR A 378 -20.35 4.89 -24.68
C TYR A 378 -21.27 4.77 -23.45
N ALA A 379 -20.68 4.85 -22.26
CA ALA A 379 -21.45 4.80 -21.02
C ALA A 379 -22.29 6.06 -20.85
N LEU A 380 -21.69 7.21 -21.18
CA LEU A 380 -22.40 8.49 -21.16
C LEU A 380 -23.47 8.55 -22.25
N HIS A 381 -23.17 7.91 -23.38
CA HIS A 381 -24.12 7.80 -24.50
C HIS A 381 -25.33 6.95 -24.12
N ASN A 382 -25.07 5.81 -23.49
CA ASN A 382 -26.13 4.92 -23.02
C ASN A 382 -26.95 5.51 -21.87
N MET A 383 -26.30 6.34 -21.05
CA MET A 383 -26.98 7.04 -19.95
C MET A 383 -27.89 8.13 -20.49
N HIS A 384 -27.42 8.83 -21.52
CA HIS A 384 -28.19 9.86 -22.21
C HIS A 384 -29.46 9.30 -22.83
N LYS A 385 -29.37 8.07 -23.34
CA LYS A 385 -30.49 7.41 -24.03
C LYS A 385 -31.64 7.06 -23.08
N ASP A 386 -31.33 6.87 -21.80
CA ASP A 386 -32.33 6.56 -20.79
C ASP A 386 -32.86 7.80 -20.07
N LEU A 387 -31.99 8.78 -19.84
CA LEU A 387 -32.35 10.02 -19.13
C LEU A 387 -32.96 11.08 -20.04
N CYS A 388 -32.42 11.22 -21.25
CA CYS A 388 -32.95 12.14 -22.25
C CYS A 388 -33.32 11.36 -23.52
N PRO A 389 -34.46 10.64 -23.49
CA PRO A 389 -34.81 9.73 -24.60
C PRO A 389 -35.18 10.42 -25.91
N GLY A 390 -35.57 11.69 -25.82
CA GLY A 390 -35.98 12.46 -27.00
C GLY A 390 -34.98 13.51 -27.45
N TYR A 391 -34.43 14.24 -26.48
CA TYR A 391 -33.53 15.36 -26.76
C TYR A 391 -32.21 14.94 -27.40
N ILE A 392 -31.70 15.80 -28.29
CA ILE A 392 -30.36 15.62 -28.86
C ILE A 392 -29.42 16.60 -28.16
N GLY A 393 -28.59 16.07 -27.28
CA GLY A 393 -27.71 16.88 -26.44
C GLY A 393 -28.13 16.82 -24.99
N LEU A 394 -27.39 17.52 -24.13
CA LEU A 394 -27.65 17.53 -22.69
C LEU A 394 -29.01 18.14 -22.34
N CYS A 395 -29.88 17.31 -21.78
CA CYS A 395 -31.19 17.74 -21.30
C CYS A 395 -31.10 18.15 -19.82
N PRO A 396 -32.16 18.78 -19.26
CA PRO A 396 -32.18 19.16 -17.85
C PRO A 396 -31.91 18.02 -16.87
N ARG A 397 -32.31 16.80 -17.22
CA ARG A 397 -32.05 15.61 -16.38
C ARG A 397 -30.59 15.16 -16.42
N MET A 398 -29.87 15.60 -17.46
CA MET A 398 -28.46 15.26 -17.64
C MET A 398 -27.53 16.37 -17.11
N SER A 399 -28.13 17.38 -16.47
CA SER A 399 -27.38 18.52 -15.94
C SER A 399 -26.27 18.10 -14.97
N THR A 400 -26.59 17.16 -14.09
CA THR A 400 -25.62 16.58 -13.17
C THR A 400 -25.48 15.09 -13.41
N ILE A 401 -24.24 14.63 -13.55
CA ILE A 401 -23.95 13.22 -13.80
C ILE A 401 -23.65 12.50 -12.48
N ASP A 402 -24.48 11.51 -12.16
CA ASP A 402 -24.31 10.73 -10.94
C ASP A 402 -23.24 9.67 -11.13
N GLY A 403 -22.28 9.64 -10.22
CA GLY A 403 -21.14 8.72 -10.27
C GLY A 403 -21.54 7.25 -10.18
N LYS A 404 -22.42 6.94 -9.22
CA LYS A 404 -22.93 5.58 -9.03
C LYS A 404 -23.68 5.09 -10.26
N GLU A 405 -24.46 5.97 -10.87
CA GLU A 405 -25.22 5.64 -12.08
C GLU A 405 -24.30 5.39 -13.27
N LEU A 406 -23.31 6.25 -13.46
CA LEU A 406 -22.36 6.14 -14.57
C LEU A 406 -21.54 4.85 -14.49
N LEU A 407 -21.15 4.48 -13.28
CA LEU A 407 -20.42 3.24 -13.02
C LEU A 407 -21.18 2.01 -13.54
N GLY A 408 -22.50 1.99 -13.28
CA GLY A 408 -23.37 0.92 -13.76
C GLY A 408 -23.39 0.80 -15.27
N TYR A 409 -23.36 1.95 -15.96
CA TYR A 409 -23.31 1.99 -17.41
C TYR A 409 -21.94 1.58 -17.97
N ILE A 410 -20.88 1.97 -17.27
CA ILE A 410 -19.51 1.59 -17.63
C ILE A 410 -19.33 0.07 -17.60
N ARG A 411 -19.87 -0.57 -16.58
CA ARG A 411 -19.79 -2.03 -16.42
C ARG A 411 -20.64 -2.77 -17.46
N ALA A 412 -21.58 -2.06 -18.08
CA ALA A 412 -22.55 -2.66 -19.00
C ALA A 412 -22.27 -2.43 -20.48
N VAL A 413 -21.26 -1.63 -20.81
CA VAL A 413 -20.94 -1.34 -22.21
C VAL A 413 -20.49 -2.57 -22.99
N ASN A 414 -20.93 -2.66 -24.23
CA ASN A 414 -20.58 -3.76 -25.13
C ASN A 414 -20.40 -3.23 -26.55
N PHE A 415 -19.16 -2.87 -26.88
CA PHE A 415 -18.85 -2.27 -28.16
C PHE A 415 -17.54 -2.79 -28.75
N ASN A 416 -17.39 -2.68 -30.06
CA ASN A 416 -16.14 -2.98 -30.75
C ASN A 416 -15.21 -1.78 -30.68
N GLY A 417 -13.98 -2.01 -30.22
CA GLY A 417 -13.01 -0.94 -30.00
C GLY A 417 -12.31 -0.44 -31.25
N SER A 418 -11.21 0.29 -31.03
CA SER A 418 -10.45 0.94 -32.10
C SER A 418 -9.73 -0.04 -33.04
N ALA A 419 -9.56 -1.29 -32.59
CA ALA A 419 -8.92 -2.32 -33.40
C ALA A 419 -9.92 -3.35 -33.93
N GLY A 420 -11.20 -3.14 -33.63
CA GLY A 420 -12.25 -4.08 -34.01
C GLY A 420 -12.51 -5.12 -32.93
N THR A 421 -11.67 -5.11 -31.91
CA THR A 421 -11.75 -6.02 -30.77
C THR A 421 -12.92 -5.60 -29.85
N PRO A 422 -13.76 -6.57 -29.43
CA PRO A 422 -14.83 -6.29 -28.47
C PRO A 422 -14.29 -5.85 -27.11
N VAL A 423 -14.97 -4.89 -26.48
CA VAL A 423 -14.59 -4.40 -25.17
C VAL A 423 -15.74 -4.64 -24.18
N THR A 424 -15.46 -5.43 -23.14
CA THR A 424 -16.44 -5.75 -22.10
C THR A 424 -15.84 -5.62 -20.71
N PHE A 425 -16.72 -5.54 -19.71
CA PHE A 425 -16.33 -5.53 -18.31
C PHE A 425 -17.13 -6.55 -17.52
N ASN A 426 -16.47 -7.29 -16.64
CA ASN A 426 -17.16 -8.21 -15.74
C ASN A 426 -17.64 -7.52 -14.46
N GLU A 427 -18.20 -8.30 -13.53
CA GLU A 427 -18.70 -7.78 -12.26
C GLU A 427 -17.65 -6.98 -11.48
N ASN A 428 -16.39 -7.37 -11.63
CA ASN A 428 -15.28 -6.70 -10.95
C ASN A 428 -14.68 -5.55 -11.77
N GLY A 429 -15.14 -5.40 -13.01
CA GLY A 429 -14.68 -4.34 -13.91
C GLY A 429 -13.37 -4.68 -14.61
N ASP A 430 -13.20 -5.94 -14.97
CA ASP A 430 -11.98 -6.42 -15.61
C ASP A 430 -12.22 -6.93 -17.02
N ALA A 431 -11.15 -6.89 -17.83
CA ALA A 431 -11.14 -7.50 -19.15
C ALA A 431 -10.72 -8.97 -19.02
N PRO A 432 -11.15 -9.82 -19.98
CA PRO A 432 -10.73 -11.23 -19.96
C PRO A 432 -9.22 -11.41 -20.15
N GLY A 433 -8.68 -12.50 -19.59
CA GLY A 433 -7.25 -12.79 -19.65
C GLY A 433 -6.81 -13.29 -21.00
N ARG A 434 -6.42 -12.37 -21.88
CA ARG A 434 -5.97 -12.70 -23.23
C ARG A 434 -4.64 -12.02 -23.54
N TYR A 435 -3.61 -12.84 -23.77
CA TYR A 435 -2.25 -12.33 -23.93
C TYR A 435 -1.55 -12.86 -25.18
N ASP A 436 -0.55 -12.11 -25.64
CA ASP A 436 0.38 -12.58 -26.66
C ASP A 436 1.76 -12.76 -26.03
N ILE A 437 2.50 -13.76 -26.49
CA ILE A 437 3.86 -14.00 -26.02
C ILE A 437 4.87 -13.63 -27.10
N PHE A 438 5.87 -12.86 -26.72
CA PHE A 438 6.93 -12.43 -27.62
C PHE A 438 8.29 -12.97 -27.18
N GLN A 439 9.24 -12.99 -28.12
CA GLN A 439 10.65 -13.19 -27.78
C GLN A 439 11.50 -12.18 -28.53
N TYR A 440 12.45 -11.57 -27.83
CA TYR A 440 13.38 -10.62 -28.44
C TYR A 440 14.45 -11.39 -29.20
N GLN A 441 14.48 -11.20 -30.52
CA GLN A 441 15.38 -11.96 -31.39
C GLN A 441 16.20 -11.05 -32.31
N ILE A 442 17.44 -11.43 -32.56
CA ILE A 442 18.35 -10.71 -33.46
C ILE A 442 18.71 -11.60 -34.64
N THR A 443 18.44 -11.12 -35.85
CA THR A 443 18.76 -11.86 -37.08
C THR A 443 20.19 -11.54 -37.54
N ASN A 444 20.43 -10.29 -37.89
CA ASN A 444 21.76 -9.83 -38.31
C ASN A 444 21.98 -8.35 -37.98
N LYS A 445 21.14 -7.50 -38.54
CA LYS A 445 21.16 -6.06 -38.24
C LYS A 445 19.73 -5.57 -37.96
N SER A 446 18.86 -6.49 -37.59
CA SER A 446 17.45 -6.18 -37.32
C SER A 446 16.99 -6.87 -36.03
N THR A 447 16.34 -6.09 -35.16
CA THR A 447 15.81 -6.61 -33.90
C THR A 447 14.29 -6.44 -33.86
N GLU A 448 13.60 -7.46 -33.35
CA GLU A 448 12.14 -7.42 -33.22
C GLU A 448 11.64 -8.30 -32.07
N TYR A 449 10.40 -8.04 -31.66
CA TYR A 449 9.68 -8.92 -30.75
C TYR A 449 8.79 -9.83 -31.59
N LYS A 450 9.28 -11.04 -31.86
CA LYS A 450 8.52 -12.00 -32.67
C LYS A 450 7.43 -12.67 -31.83
N VAL A 451 6.21 -12.70 -32.38
CA VAL A 451 5.09 -13.39 -31.76
C VAL A 451 5.32 -14.90 -31.84
N ILE A 452 5.60 -15.50 -30.68
CA ILE A 452 5.91 -16.92 -30.58
C ILE A 452 4.76 -17.74 -29.99
N GLY A 453 3.69 -17.06 -29.57
CA GLY A 453 2.52 -17.73 -29.02
C GLY A 453 1.51 -16.80 -28.38
N HIS A 454 0.43 -17.38 -27.87
CA HIS A 454 -0.61 -16.63 -27.16
C HIS A 454 -1.19 -17.43 -26.00
N TRP A 455 -1.68 -16.73 -24.99
CA TRP A 455 -2.35 -17.35 -23.85
C TRP A 455 -3.78 -16.83 -23.71
N THR A 456 -4.73 -17.73 -23.97
CA THR A 456 -6.16 -17.43 -23.86
C THR A 456 -6.83 -18.56 -23.08
N ASN A 457 -6.83 -18.42 -21.76
CA ASN A 457 -7.21 -19.49 -20.82
C ASN A 457 -6.22 -20.66 -20.76
N GLN A 458 -5.65 -21.01 -21.91
CA GLN A 458 -4.61 -22.04 -22.00
C GLN A 458 -3.46 -21.58 -22.90
N LEU A 459 -2.33 -22.27 -22.83
CA LEU A 459 -1.13 -21.89 -23.58
C LEU A 459 -1.08 -22.48 -24.99
N HIS A 460 -0.64 -21.66 -25.93
CA HIS A 460 -0.37 -22.08 -27.30
C HIS A 460 0.98 -21.53 -27.73
N LEU A 461 2.04 -22.25 -27.35
CA LEU A 461 3.41 -21.78 -27.55
C LEU A 461 4.14 -22.53 -28.67
N LYS A 462 4.66 -21.77 -29.63
CA LYS A 462 5.46 -22.33 -30.72
C LYS A 462 6.94 -22.31 -30.37
N VAL A 463 7.45 -23.46 -29.95
CA VAL A 463 8.85 -23.61 -29.53
C VAL A 463 9.81 -23.58 -30.72
N GLU A 464 9.30 -23.98 -31.89
CA GLU A 464 10.08 -24.03 -33.13
C GLU A 464 10.55 -22.65 -33.60
N ASP A 465 9.79 -21.61 -33.25
CA ASP A 465 10.09 -20.24 -33.67
C ASP A 465 10.96 -19.46 -32.69
N MET A 466 11.50 -20.16 -31.68
CA MET A 466 12.32 -19.53 -30.65
CA MET A 466 12.32 -19.53 -30.64
C MET A 466 13.81 -19.65 -30.92
N GLN A 467 14.54 -18.58 -30.62
CA GLN A 467 16.00 -18.52 -30.79
C GLN A 467 16.66 -18.10 -29.47
N TRP A 468 17.91 -18.52 -29.29
CA TRP A 468 18.62 -18.28 -28.04
C TRP A 468 19.99 -17.62 -28.23
N ALA A 469 20.42 -16.87 -27.22
CA ALA A 469 21.72 -16.22 -27.23
C ALA A 469 22.82 -17.20 -26.80
N HIS A 470 24.03 -16.98 -27.31
CA HIS A 470 25.19 -17.79 -26.96
C HIS A 470 25.71 -17.40 -25.58
N ARG A 471 26.03 -18.41 -24.77
CA ARG A 471 26.55 -18.20 -23.42
C ARG A 471 28.02 -17.80 -23.46
N GLU A 472 28.31 -16.59 -22.95
CA GLU A 472 29.68 -16.08 -22.90
C GLU A 472 30.35 -16.41 -21.56
N HIS A 473 29.54 -16.59 -20.52
CA HIS A 473 30.04 -16.90 -19.18
C HIS A 473 29.26 -18.04 -18.54
N THR A 474 30.00 -18.97 -17.95
CA THR A 474 29.41 -20.12 -17.26
C THR A 474 29.63 -20.00 -15.75
N HIS A 475 28.65 -20.46 -14.97
CA HIS A 475 28.73 -20.42 -13.52
C HIS A 475 28.53 -21.82 -12.93
N PRO A 476 29.63 -22.46 -12.48
CA PRO A 476 29.56 -23.78 -11.87
C PRO A 476 28.86 -23.74 -10.51
N ALA A 477 28.14 -24.82 -10.19
CA ALA A 477 27.37 -24.87 -8.95
C ALA A 477 27.87 -25.97 -8.01
N SER A 478 27.65 -25.75 -6.71
CA SER A 478 27.98 -26.73 -5.68
C SER A 478 26.89 -26.71 -4.61
N GLU A 479 25.80 -27.41 -4.90
CA GLU A 479 24.63 -27.47 -4.01
C GLU A 479 24.11 -28.89 -3.86
N HIS B 2 -20.96 11.39 16.26
CA HIS B 2 -20.11 10.26 15.76
C HIS B 2 -18.62 10.50 16.03
N SER B 3 -18.32 11.54 16.80
CA SER B 3 -16.95 11.87 17.18
C SER B 3 -16.90 12.60 18.52
N ILE B 4 -15.71 12.77 19.06
CA ILE B 4 -15.50 13.55 20.28
C ILE B 4 -14.92 14.93 19.93
N ARG B 5 -15.70 15.97 20.21
CA ARG B 5 -15.26 17.35 19.97
C ARG B 5 -15.07 18.10 21.28
N VAL B 6 -13.86 18.63 21.48
CA VAL B 6 -13.55 19.49 22.62
C VAL B 6 -12.90 20.78 22.12
N ASP B 7 -13.47 21.91 22.50
CA ASP B 7 -12.98 23.23 22.07
C ASP B 7 -11.68 23.60 22.77
N GLY B 8 -10.81 24.28 22.04
CA GLY B 8 -9.53 24.75 22.57
C GLY B 8 -8.83 25.68 21.60
N ASP B 9 -7.74 26.29 22.07
CA ASP B 9 -6.94 27.19 21.23
C ASP B 9 -6.23 26.44 20.11
N ILE B 10 -5.64 25.29 20.46
CA ILE B 10 -4.98 24.41 19.50
C ILE B 10 -5.68 23.06 19.52
N ILE B 11 -6.14 22.60 18.37
CA ILE B 11 -6.87 21.35 18.28
C ILE B 11 -6.00 20.18 17.80
N LEU B 12 -5.96 19.13 18.60
CA LEU B 12 -5.22 17.90 18.27
C LEU B 12 -6.18 16.82 17.77
N GLY B 13 -5.86 16.25 16.62
CA GLY B 13 -6.64 15.15 16.05
C GLY B 13 -6.29 13.82 16.68
N GLY B 14 -7.27 12.90 16.69
CA GLY B 14 -7.09 11.58 17.28
C GLY B 14 -7.75 10.49 16.45
N LEU B 15 -7.06 9.37 16.32
CA LEU B 15 -7.56 8.22 15.58
C LEU B 15 -7.39 6.94 16.38
N PHE B 16 -8.51 6.31 16.71
CA PHE B 16 -8.51 5.14 17.59
C PHE B 16 -9.42 4.03 17.07
N PRO B 17 -9.00 2.76 17.22
CA PRO B 17 -9.84 1.63 16.83
C PRO B 17 -10.90 1.32 17.89
N VAL B 18 -11.89 2.20 18.02
CA VAL B 18 -12.97 2.02 18.99
C VAL B 18 -13.76 0.75 18.69
N HIS B 19 -14.01 0.51 17.41
CA HIS B 19 -14.65 -0.70 16.94
C HIS B 19 -13.69 -1.55 16.11
N ALA B 20 -13.95 -2.84 16.06
CA ALA B 20 -13.22 -3.75 15.18
C ALA B 20 -13.83 -3.69 13.78
N LYS B 21 -13.16 -4.32 12.81
CA LYS B 21 -13.72 -4.40 11.45
C LYS B 21 -14.85 -5.44 11.39
N GLY B 22 -15.91 -5.10 10.65
CA GLY B 22 -17.09 -5.96 10.54
C GLY B 22 -16.86 -7.20 9.71
N GLU B 23 -17.85 -8.10 9.71
CA GLU B 23 -17.77 -9.35 8.97
C GLU B 23 -18.16 -9.16 7.51
N ARG B 24 -17.32 -9.69 6.61
CA ARG B 24 -17.53 -9.69 5.16
C ARG B 24 -17.71 -8.28 4.54
N GLY B 25 -18.93 -7.76 4.57
CA GLY B 25 -19.24 -6.48 3.93
C GLY B 25 -19.69 -5.37 4.87
N VAL B 26 -19.41 -5.54 6.16
CA VAL B 26 -19.78 -4.56 7.18
C VAL B 26 -18.57 -3.71 7.57
N PRO B 27 -18.74 -2.37 7.62
CA PRO B 27 -17.64 -1.47 7.97
C PRO B 27 -17.16 -1.62 9.41
N CYS B 28 -18.05 -1.37 10.37
CA CYS B 28 -17.70 -1.41 11.80
C CYS B 28 -18.33 -2.61 12.51
N GLY B 29 -17.57 -3.21 13.42
CA GLY B 29 -18.00 -4.40 14.14
C GLY B 29 -18.15 -4.20 15.64
N GLU B 30 -17.68 -5.18 16.41
CA GLU B 30 -17.77 -5.15 17.86
C GLU B 30 -16.79 -4.16 18.48
N LEU B 31 -17.22 -3.51 19.56
CA LEU B 31 -16.39 -2.52 20.25
C LEU B 31 -15.24 -3.18 20.99
N LYS B 32 -14.05 -2.59 20.88
CA LYS B 32 -12.88 -3.05 21.60
C LYS B 32 -12.75 -2.27 22.91
N LYS B 33 -12.84 -2.99 24.03
CA LYS B 33 -12.77 -2.38 25.36
C LYS B 33 -11.37 -1.86 25.68
N GLU B 34 -10.37 -2.69 25.42
CA GLU B 34 -8.99 -2.39 25.79
C GLU B 34 -8.25 -1.59 24.72
N LYS B 35 -8.23 -2.13 23.50
CA LYS B 35 -7.52 -1.50 22.38
C LYS B 35 -8.19 -0.19 21.94
N GLY B 36 -9.50 -0.10 22.13
CA GLY B 36 -10.27 1.08 21.73
C GLY B 36 -10.41 2.12 22.82
N ILE B 37 -11.27 1.83 23.80
CA ILE B 37 -11.64 2.79 24.85
C ILE B 37 -10.46 3.23 25.72
N HIS B 38 -9.72 2.26 26.27
CA HIS B 38 -8.56 2.55 27.13
C HIS B 38 -7.60 3.57 26.51
N ARG B 39 -7.23 3.33 25.25
CA ARG B 39 -6.29 4.18 24.53
C ARG B 39 -6.89 5.53 24.19
N LEU B 40 -8.15 5.54 23.76
CA LEU B 40 -8.90 6.76 23.48
C LEU B 40 -8.97 7.64 24.73
N GLU B 41 -9.31 7.01 25.86
CA GLU B 41 -9.48 7.70 27.13
C GLU B 41 -8.14 8.17 27.69
N ALA B 42 -7.06 7.52 27.27
CA ALA B 42 -5.70 7.92 27.65
C ALA B 42 -5.30 9.26 27.05
N MET B 43 -5.78 9.53 25.84
CA MET B 43 -5.53 10.81 25.18
C MET B 43 -6.27 11.94 25.89
N LEU B 44 -7.56 11.71 26.16
CA LEU B 44 -8.41 12.66 26.88
C LEU B 44 -7.87 12.95 28.28
N TYR B 45 -7.39 11.89 28.96
CA TYR B 45 -6.73 12.03 30.26
C TYR B 45 -5.47 12.89 30.15
N ALA B 46 -4.64 12.59 29.15
CA ALA B 46 -3.38 13.32 28.93
C ALA B 46 -3.62 14.80 28.66
N ILE B 47 -4.59 15.10 27.81
CA ILE B 47 -4.97 16.47 27.50
C ILE B 47 -5.55 17.20 28.72
N ASP B 48 -6.33 16.49 29.52
CA ASP B 48 -6.84 17.03 30.78
C ASP B 48 -5.71 17.42 31.73
N GLN B 49 -4.68 16.59 31.79
CA GLN B 49 -3.52 16.83 32.65
C GLN B 49 -2.63 17.99 32.14
N ILE B 50 -2.53 18.12 30.82
CA ILE B 50 -1.76 19.21 30.21
C ILE B 50 -2.46 20.55 30.44
N ASN B 51 -3.76 20.58 30.14
CA ASN B 51 -4.59 21.78 30.34
C ASN B 51 -4.60 22.26 31.78
N LYS B 52 -4.50 21.32 32.72
CA LYS B 52 -4.47 21.60 34.15
C LYS B 52 -3.16 22.29 34.57
N ASP B 53 -2.07 21.94 33.91
CA ASP B 53 -0.73 22.38 34.28
C ASP B 53 -0.49 23.88 34.06
N PRO B 54 0.14 24.56 35.04
CA PRO B 54 0.50 25.97 34.91
C PRO B 54 1.83 26.23 34.21
N ASP B 55 2.71 25.23 34.16
CA ASP B 55 4.04 25.38 33.57
C ASP B 55 4.08 25.00 32.08
N LEU B 56 3.47 23.87 31.74
CA LEU B 56 3.40 23.43 30.35
C LEU B 56 2.23 24.09 29.64
N LEU B 57 2.54 24.79 28.54
CA LEU B 57 1.54 25.52 27.75
C LEU B 57 0.64 26.39 28.63
N SER B 58 1.23 27.42 29.23
CA SER B 58 0.52 28.29 30.15
C SER B 58 -0.53 29.15 29.45
N ASN B 59 -1.71 29.24 30.08
CA ASN B 59 -2.83 30.03 29.56
C ASN B 59 -3.24 29.63 28.13
N ILE B 60 -3.04 28.34 27.81
CA ILE B 60 -3.38 27.78 26.50
C ILE B 60 -4.11 26.45 26.69
N THR B 61 -5.28 26.32 26.08
CA THR B 61 -6.08 25.09 26.16
C THR B 61 -5.96 24.26 24.88
N LEU B 62 -5.63 22.99 25.05
CA LEU B 62 -5.57 22.05 23.93
C LEU B 62 -6.93 21.44 23.65
N GLY B 63 -7.38 21.55 22.40
CA GLY B 63 -8.65 20.99 21.96
C GLY B 63 -8.52 19.59 21.41
N VAL B 64 -9.65 18.95 21.14
CA VAL B 64 -9.67 17.56 20.71
C VAL B 64 -10.66 17.31 19.57
N ARG B 65 -10.22 16.51 18.60
CA ARG B 65 -11.09 15.93 17.59
C ARG B 65 -10.72 14.46 17.40
N ILE B 66 -11.39 13.59 18.14
CA ILE B 66 -11.10 12.15 18.12
C ILE B 66 -12.11 11.39 17.27
N LEU B 67 -11.60 10.58 16.35
CA LEU B 67 -12.43 9.82 15.42
C LEU B 67 -12.19 8.32 15.55
N ASP B 68 -13.16 7.53 15.09
CA ASP B 68 -13.06 6.07 15.10
C ASP B 68 -12.58 5.57 13.75
N THR B 69 -11.62 4.65 13.77
CA THR B 69 -11.04 4.08 12.55
C THR B 69 -11.75 2.79 12.12
N CYS B 70 -12.41 2.14 13.08
CA CYS B 70 -13.08 0.85 12.87
C CYS B 70 -12.15 -0.24 12.31
N SER B 71 -10.85 -0.12 12.64
CA SER B 71 -9.81 -1.06 12.22
C SER B 71 -9.58 -1.15 10.70
N ARG B 72 -10.36 -0.38 9.93
CA ARG B 72 -10.24 -0.36 8.47
C ARG B 72 -9.51 0.90 8.01
N ASP B 73 -8.62 0.74 7.03
CA ASP B 73 -7.89 1.88 6.48
C ASP B 73 -8.74 2.72 5.53
N THR B 74 -9.73 2.10 4.90
CA THR B 74 -10.67 2.81 4.02
C THR B 74 -11.64 3.68 4.82
N TYR B 75 -12.12 3.14 5.94
CA TYR B 75 -13.02 3.87 6.84
C TYR B 75 -12.29 5.03 7.51
N ALA B 76 -11.04 4.81 7.89
CA ALA B 76 -10.20 5.83 8.52
C ALA B 76 -9.84 6.97 7.56
N LEU B 77 -9.78 6.65 6.27
CA LEU B 77 -9.53 7.65 5.23
C LEU B 77 -10.68 8.65 5.12
N GLU B 78 -11.92 8.15 5.18
CA GLU B 78 -13.10 9.01 5.20
C GLU B 78 -13.08 9.96 6.38
N GLN B 79 -12.78 9.41 7.55
CA GLN B 79 -12.71 10.17 8.79
C GLN B 79 -11.61 11.23 8.74
N SER B 80 -10.44 10.86 8.22
CA SER B 80 -9.28 11.75 8.14
C SER B 80 -9.52 12.98 7.27
N LEU B 81 -10.52 12.92 6.39
CA LEU B 81 -10.89 14.05 5.53
C LEU B 81 -11.48 15.23 6.30
N THR B 82 -11.98 14.98 7.51
CA THR B 82 -12.51 16.04 8.37
C THR B 82 -11.38 16.89 8.96
N PHE B 83 -10.16 16.33 8.99
CA PHE B 83 -8.98 17.06 9.44
C PHE B 83 -8.50 18.08 8.41
N VAL B 84 -8.92 17.91 7.15
CA VAL B 84 -8.46 18.76 6.05
C VAL B 84 -9.62 19.33 5.22
N GLN B 85 -9.41 20.50 4.64
CA GLN B 85 -10.42 21.16 3.80
C GLN B 85 -9.81 22.09 2.75
N ALA B 86 -8.66 22.68 3.08
CA ALA B 86 -7.97 23.63 2.21
C ALA B 86 -7.33 22.93 1.01
N LYS B 110 -9.26 24.07 12.51
CA LYS B 110 -7.90 23.82 12.01
C LYS B 110 -7.17 22.84 12.93
N ILE B 111 -6.69 21.75 12.34
CA ILE B 111 -5.98 20.70 13.07
C ILE B 111 -4.47 20.92 12.97
N SER B 112 -3.83 21.10 14.11
CA SER B 112 -2.39 21.35 14.16
C SER B 112 -1.57 20.06 14.12
N GLY B 113 -2.14 18.99 14.68
CA GLY B 113 -1.45 17.70 14.75
C GLY B 113 -2.42 16.56 14.97
N VAL B 114 -1.98 15.35 14.62
CA VAL B 114 -2.80 14.15 14.72
C VAL B 114 -2.11 13.05 15.54
N ILE B 115 -2.85 12.43 16.45
CA ILE B 115 -2.34 11.33 17.25
C ILE B 115 -2.99 10.02 16.82
N GLY B 116 -2.15 9.07 16.41
CA GLY B 116 -2.60 7.79 15.88
C GLY B 116 -1.92 7.46 14.58
N ALA B 117 -2.34 6.38 13.92
CA ALA B 117 -3.38 5.50 14.43
C ALA B 117 -2.77 4.33 15.20
N ALA B 118 -3.48 3.19 15.24
CA ALA B 118 -2.99 2.00 15.91
C ALA B 118 -2.42 1.00 14.90
N ALA B 119 -3.26 0.58 13.96
CA ALA B 119 -2.85 -0.33 12.90
C ALA B 119 -1.98 0.39 11.87
N SER B 120 -0.95 -0.32 11.39
CA SER B 120 0.01 0.25 10.46
C SER B 120 -0.60 0.67 9.12
N SER B 121 -1.42 -0.21 8.53
CA SER B 121 -2.08 0.06 7.26
C SER B 121 -3.01 1.27 7.35
N VAL B 122 -3.61 1.45 8.53
CA VAL B 122 -4.44 2.62 8.83
C VAL B 122 -3.57 3.87 8.93
N SER B 123 -2.45 3.76 9.65
CA SER B 123 -1.51 4.88 9.81
C SER B 123 -0.84 5.29 8.50
N ILE B 124 -0.62 4.33 7.61
CA ILE B 124 -0.01 4.57 6.30
C ILE B 124 -0.93 5.40 5.39
N MET B 125 -2.20 4.99 5.31
CA MET B 125 -3.16 5.67 4.44
C MET B 125 -3.49 7.08 4.93
N VAL B 126 -3.51 7.25 6.24
CA VAL B 126 -3.75 8.56 6.85
C VAL B 126 -2.53 9.48 6.63
N ALA B 127 -1.33 8.91 6.77
CA ALA B 127 -0.08 9.65 6.55
C ALA B 127 0.06 10.17 5.11
N ASN B 128 -0.53 9.46 4.15
CA ASN B 128 -0.51 9.86 2.75
C ASN B 128 -1.19 11.21 2.51
N ILE B 129 -2.31 11.43 3.18
CA ILE B 129 -3.08 12.67 3.04
C ILE B 129 -2.56 13.78 3.95
N LEU B 130 -2.18 13.43 5.17
CA LEU B 130 -1.69 14.40 6.15
C LEU B 130 -0.44 15.14 5.70
N ARG B 131 0.41 14.48 4.91
CA ARG B 131 1.65 15.09 4.43
C ARG B 131 1.41 16.12 3.32
N LEU B 132 0.30 15.98 2.61
CA LEU B 132 -0.08 16.94 1.57
C LEU B 132 -0.46 18.28 2.17
N PHE B 133 -1.13 18.23 3.32
CA PHE B 133 -1.59 19.42 4.03
C PHE B 133 -0.66 19.72 5.21
N LYS B 134 0.49 19.05 5.23
CA LYS B 134 1.57 19.31 6.19
C LYS B 134 1.12 19.28 7.65
N ILE B 135 0.52 18.16 8.06
CA ILE B 135 0.07 17.97 9.44
C ILE B 135 0.88 16.85 10.09
N PRO B 136 1.64 17.18 11.14
CA PRO B 136 2.47 16.21 11.85
C PRO B 136 1.64 15.11 12.50
N GLN B 137 2.19 13.90 12.52
CA GLN B 137 1.51 12.72 13.02
C GLN B 137 2.41 11.96 13.98
N ILE B 138 1.88 11.59 15.13
CA ILE B 138 2.58 10.74 16.10
C ILE B 138 1.73 9.52 16.44
N SER B 139 2.26 8.34 16.15
CA SER B 139 1.56 7.09 16.44
C SER B 139 2.00 6.49 17.77
N TYR B 140 1.12 5.67 18.35
CA TYR B 140 1.34 5.05 19.66
C TYR B 140 1.47 3.53 19.55
N ALA B 141 1.17 2.98 18.38
CA ALA B 141 1.14 1.52 18.20
C ALA B 141 1.74 1.01 16.90
N SER B 142 1.65 1.80 15.83
CA SER B 142 2.10 1.37 14.49
C SER B 142 3.61 1.11 14.43
N THR B 143 3.98 -0.10 14.04
CA THR B 143 5.38 -0.54 14.10
C THR B 143 6.01 -0.95 12.77
N ALA B 144 5.23 -0.91 11.68
CA ALA B 144 5.72 -1.32 10.35
C ALA B 144 6.92 -0.48 9.89
N PRO B 145 8.01 -1.15 9.48
CA PRO B 145 9.26 -0.51 9.07
C PRO B 145 9.11 0.52 7.95
N GLU B 146 8.11 0.35 7.08
CA GLU B 146 7.84 1.26 5.96
C GLU B 146 7.66 2.71 6.41
N LEU B 147 7.01 2.89 7.56
CA LEU B 147 6.64 4.20 8.08
C LEU B 147 7.81 5.08 8.52
N SER B 148 8.98 4.48 8.67
CA SER B 148 10.17 5.24 9.06
C SER B 148 10.85 5.92 7.86
N ASP B 149 10.34 5.67 6.66
CA ASP B 149 10.86 6.27 5.43
C ASP B 149 10.42 7.74 5.31
N ASN B 150 11.38 8.65 5.41
CA ASN B 150 11.12 10.09 5.36
C ASN B 150 10.75 10.61 3.97
N THR B 151 11.05 9.84 2.94
CA THR B 151 10.72 10.20 1.56
C THR B 151 9.22 9.98 1.29
N ARG B 152 8.64 9.01 1.99
CA ARG B 152 7.22 8.67 1.82
C ARG B 152 6.36 9.21 2.95
N TYR B 153 6.92 9.21 4.17
CA TYR B 153 6.18 9.62 5.36
C TYR B 153 7.01 10.59 6.21
N ASP B 154 7.24 11.77 5.67
CA ASP B 154 8.07 12.81 6.31
C ASP B 154 7.43 13.38 7.57
N PHE B 155 6.11 13.46 7.59
CA PHE B 155 5.39 14.03 8.73
C PHE B 155 4.91 12.98 9.74
N PHE B 156 5.47 11.77 9.64
CA PHE B 156 5.11 10.69 10.55
C PHE B 156 6.20 10.45 11.60
N SER B 157 5.77 10.28 12.85
CA SER B 157 6.64 9.94 13.96
C SER B 157 5.94 8.93 14.86
N ARG B 158 6.68 8.28 15.74
CA ARG B 158 6.12 7.27 16.64
C ARG B 158 6.92 7.06 17.94
N VAL B 159 6.20 6.80 19.02
CA VAL B 159 6.82 6.55 20.32
C VAL B 159 7.12 5.06 20.53
N VAL B 160 6.85 4.26 19.49
CA VAL B 160 7.20 2.85 19.47
C VAL B 160 8.26 2.57 18.40
N PRO B 161 9.17 1.61 18.65
CA PRO B 161 10.20 1.28 17.67
C PRO B 161 9.67 0.49 16.48
N PRO B 162 10.36 0.57 15.32
CA PRO B 162 9.98 -0.21 14.13
C PRO B 162 10.20 -1.71 14.30
N ASP B 163 9.50 -2.51 13.49
CA ASP B 163 9.52 -3.97 13.59
C ASP B 163 10.86 -4.61 13.23
N SER B 164 11.79 -3.82 12.71
CA SER B 164 13.14 -4.28 12.42
C SER B 164 13.79 -4.87 13.67
N TYR B 165 13.63 -4.16 14.79
CA TYR B 165 14.20 -4.58 16.06
C TYR B 165 13.44 -5.75 16.68
N GLN B 166 12.11 -5.72 16.58
CA GLN B 166 11.26 -6.78 17.13
C GLN B 166 11.49 -8.12 16.44
N ALA B 167 11.64 -8.09 15.11
CA ALA B 167 11.94 -9.29 14.33
C ALA B 167 13.28 -9.90 14.73
N GLN B 168 14.29 -9.05 14.93
CA GLN B 168 15.62 -9.48 15.39
C GLN B 168 15.55 -10.10 16.78
N ALA B 169 14.77 -9.47 17.66
CA ALA B 169 14.54 -9.98 19.01
C ALA B 169 13.94 -11.38 19.00
N MET B 170 13.03 -11.62 18.05
CA MET B 170 12.39 -12.93 17.87
C MET B 170 13.39 -14.00 17.41
N VAL B 171 14.27 -13.62 16.50
CA VAL B 171 15.31 -14.52 16.00
C VAL B 171 16.27 -14.91 17.13
N ASP B 172 16.58 -13.94 17.99
CA ASP B 172 17.43 -14.18 19.16
C ASP B 172 16.76 -15.11 20.17
N ILE B 173 15.47 -14.90 20.43
CA ILE B 173 14.69 -15.73 21.34
C ILE B 173 14.61 -17.18 20.83
N VAL B 174 14.35 -17.31 19.54
CA VAL B 174 14.28 -18.61 18.87
C VAL B 174 15.63 -19.35 18.93
N THR B 175 16.71 -18.62 18.72
CA THR B 175 18.06 -19.18 18.81
C THR B 175 18.37 -19.66 20.23
N ALA B 176 18.12 -18.80 21.22
CA ALA B 176 18.39 -19.10 22.63
C ALA B 176 17.66 -20.35 23.12
N LEU B 177 16.44 -20.55 22.65
CA LEU B 177 15.63 -21.72 23.03
C LEU B 177 15.95 -22.94 22.17
N GLY B 178 16.72 -22.73 21.11
CA GLY B 178 17.16 -23.82 20.23
C GLY B 178 16.10 -24.33 19.28
N TRP B 179 15.12 -23.50 18.96
CA TRP B 179 14.06 -23.87 18.03
C TRP B 179 14.47 -23.54 16.60
N ASN B 180 15.30 -24.40 16.02
CA ASN B 180 15.84 -24.18 14.67
C ASN B 180 14.84 -24.46 13.53
N TYR B 181 13.67 -24.98 13.89
CA TYR B 181 12.62 -25.30 12.90
C TYR B 181 11.31 -24.65 13.32
N VAL B 182 10.94 -23.59 12.61
CA VAL B 182 9.78 -22.77 12.99
C VAL B 182 8.79 -22.55 11.85
N SER B 183 7.61 -22.04 12.19
CA SER B 183 6.60 -21.64 11.21
C SER B 183 6.18 -20.19 11.45
N THR B 184 5.79 -19.51 10.39
CA THR B 184 5.36 -18.11 10.49
C THR B 184 3.87 -17.95 10.20
N LEU B 185 3.22 -17.08 10.98
CA LEU B 185 1.80 -16.80 10.82
C LEU B 185 1.60 -15.29 10.79
N ALA B 186 0.93 -14.80 9.75
CA ALA B 186 0.75 -13.36 9.56
C ALA B 186 -0.68 -12.98 9.21
N SER B 187 -1.10 -11.83 9.73
CA SER B 187 -2.34 -11.18 9.27
C SER B 187 -2.04 -10.50 7.95
N GLU B 188 -3.03 -10.48 7.06
CA GLU B 188 -2.91 -9.75 5.79
C GLU B 188 -2.84 -8.26 6.08
N GLY B 189 -1.92 -7.57 5.41
CA GLY B 189 -1.69 -6.15 5.64
C GLY B 189 -0.21 -5.85 5.84
N ASN B 190 0.09 -4.59 6.14
CA ASN B 190 1.47 -4.14 6.30
C ASN B 190 2.17 -4.71 7.53
N TYR B 191 1.51 -4.62 8.68
CA TYR B 191 2.09 -5.06 9.95
C TYR B 191 2.45 -6.55 9.96
N GLY B 192 1.53 -7.39 9.49
CA GLY B 192 1.71 -8.83 9.49
C GLY B 192 2.76 -9.31 8.51
N GLU B 193 2.64 -8.87 7.26
CA GLU B 193 3.55 -9.30 6.19
C GLU B 193 4.96 -8.76 6.36
N SER B 194 5.08 -7.48 6.70
CA SER B 194 6.39 -6.84 6.90
C SER B 194 7.11 -7.39 8.13
N GLY B 195 6.34 -7.73 9.16
CA GLY B 195 6.88 -8.35 10.37
C GLY B 195 7.49 -9.71 10.09
N VAL B 196 6.76 -10.54 9.35
CA VAL B 196 7.20 -11.87 8.96
C VAL B 196 8.35 -11.82 7.94
N GLU B 197 8.26 -10.88 7.00
CA GLU B 197 9.31 -10.70 5.99
C GLU B 197 10.65 -10.36 6.63
N ALA B 198 10.63 -9.45 7.60
CA ALA B 198 11.83 -9.07 8.34
C ALA B 198 12.39 -10.25 9.13
N PHE B 199 11.50 -11.05 9.73
CA PHE B 199 11.89 -12.27 10.43
C PHE B 199 12.54 -13.28 9.48
N THR B 200 11.94 -13.42 8.30
CA THR B 200 12.42 -14.37 7.28
C THR B 200 13.77 -13.92 6.70
N GLN B 201 13.93 -12.62 6.49
CA GLN B 201 15.18 -12.05 5.98
C GLN B 201 16.35 -12.23 6.94
N ILE B 202 16.12 -11.91 8.21
CA ILE B 202 17.14 -12.02 9.25
C ILE B 202 17.52 -13.48 9.53
N SER B 203 16.52 -14.36 9.54
CA SER B 203 16.74 -15.79 9.77
C SER B 203 17.50 -16.45 8.63
N ARG B 204 17.33 -15.92 7.42
CA ARG B 204 18.05 -16.41 6.24
C ARG B 204 19.53 -16.02 6.31
N GLU B 205 19.80 -14.82 6.80
CA GLU B 205 21.16 -14.30 6.94
C GLU B 205 21.94 -15.00 8.06
N ILE B 206 21.25 -15.34 9.14
CA ILE B 206 21.86 -16.10 10.25
C ILE B 206 21.72 -17.61 9.99
N GLY B 207 22.47 -18.41 10.73
CA GLY B 207 22.55 -19.85 10.51
C GLY B 207 21.36 -20.68 10.95
N GLY B 208 21.32 -20.99 12.25
CA GLY B 208 20.42 -22.02 12.78
C GLY B 208 18.95 -21.69 12.95
N VAL B 209 18.34 -21.08 11.93
CA VAL B 209 16.89 -20.87 11.91
C VAL B 209 16.31 -21.25 10.54
N SER B 210 15.41 -22.22 10.55
CA SER B 210 14.79 -22.72 9.31
C SER B 210 13.26 -22.63 9.40
N ILE B 211 12.65 -22.16 8.32
CA ILE B 211 11.20 -21.97 8.27
C ILE B 211 10.52 -23.11 7.50
N ALA B 212 9.60 -23.80 8.17
CA ALA B 212 8.86 -24.91 7.58
C ALA B 212 7.86 -24.43 6.55
N GLN B 213 7.03 -23.47 6.94
CA GLN B 213 5.99 -22.92 6.07
C GLN B 213 5.54 -21.53 6.51
N SER B 214 4.97 -20.78 5.56
CA SER B 214 4.39 -19.48 5.83
C SER B 214 2.88 -19.51 5.63
N GLN B 215 2.14 -19.10 6.65
CA GLN B 215 0.69 -19.05 6.57
C GLN B 215 0.21 -17.62 6.73
N LYS B 216 -0.74 -17.24 5.86
CA LYS B 216 -1.27 -15.88 5.86
C LYS B 216 -2.78 -15.90 6.13
N ILE B 217 -3.20 -15.12 7.12
CA ILE B 217 -4.63 -14.99 7.44
C ILE B 217 -5.23 -13.85 6.61
N PRO B 218 -6.28 -14.16 5.83
CA PRO B 218 -6.95 -13.17 4.98
C PRO B 218 -7.67 -12.07 5.77
N ARG B 219 -7.84 -10.91 5.15
CA ARG B 219 -8.55 -9.79 5.75
C ARG B 219 -10.02 -10.13 6.03
N GLU B 220 -10.67 -10.75 5.05
CA GLU B 220 -12.03 -11.25 5.22
C GLU B 220 -12.06 -12.77 5.11
N PRO B 221 -11.86 -13.47 6.26
CA PRO B 221 -11.79 -14.93 6.27
C PRO B 221 -13.16 -15.57 6.09
N ARG B 222 -13.20 -16.63 5.29
CA ARG B 222 -14.42 -17.42 5.11
C ARG B 222 -14.62 -18.30 6.35
N PRO B 223 -15.86 -18.76 6.60
CA PRO B 223 -16.12 -19.63 7.75
C PRO B 223 -15.27 -20.91 7.70
N GLY B 224 -14.56 -21.18 8.80
CA GLY B 224 -13.74 -22.37 8.93
C GLY B 224 -12.29 -22.21 8.48
N GLU B 225 -11.88 -20.97 8.21
CA GLU B 225 -10.52 -20.69 7.74
C GLU B 225 -9.44 -20.91 8.81
N PHE B 226 -9.75 -20.52 10.04
CA PHE B 226 -8.80 -20.64 11.14
C PHE B 226 -8.51 -22.09 11.52
N GLU B 227 -9.48 -22.96 11.26
CA GLU B 227 -9.33 -24.39 11.49
C GLU B 227 -8.43 -25.02 10.43
N LYS B 228 -8.50 -24.48 9.21
CA LYS B 228 -7.66 -24.93 8.09
C LYS B 228 -6.20 -24.55 8.32
N ILE B 229 -5.98 -23.37 8.89
CA ILE B 229 -4.63 -22.87 9.17
C ILE B 229 -3.91 -23.79 10.17
N ILE B 230 -4.62 -24.15 11.25
CA ILE B 230 -4.10 -25.09 12.25
C ILE B 230 -3.78 -26.45 11.62
N LYS B 231 -4.69 -26.92 10.77
CA LYS B 231 -4.49 -28.16 10.02
C LYS B 231 -3.27 -28.09 9.09
N ARG B 232 -3.06 -26.93 8.47
CA ARG B 232 -1.89 -26.70 7.61
C ARG B 232 -0.59 -26.66 8.41
N LEU B 233 -0.65 -26.07 9.61
CA LEU B 233 0.49 -26.05 10.53
C LEU B 233 0.82 -27.44 11.06
N LEU B 234 -0.17 -28.32 11.06
CA LEU B 234 0.00 -29.70 11.52
C LEU B 234 0.55 -30.63 10.43
N GLU B 235 0.71 -30.10 9.22
CA GLU B 235 1.34 -30.82 8.11
C GLU B 235 2.85 -30.96 8.35
N THR B 236 3.40 -30.03 9.15
CA THR B 236 4.77 -30.12 9.63
C THR B 236 4.77 -30.21 11.17
N PRO B 237 4.57 -31.43 11.71
CA PRO B 237 4.39 -31.62 13.15
C PRO B 237 5.64 -31.35 13.99
N ASN B 238 6.82 -31.43 13.38
CA ASN B 238 8.07 -31.14 14.07
C ASN B 238 8.31 -29.64 14.26
N ALA B 239 7.70 -28.83 13.40
CA ALA B 239 7.69 -27.39 13.56
C ALA B 239 6.63 -27.00 14.57
N ARG B 240 7.00 -27.03 15.84
CA ARG B 240 6.08 -26.75 16.94
C ARG B 240 6.00 -25.25 17.21
N ALA B 241 7.14 -24.57 17.06
CA ALA B 241 7.23 -23.13 17.30
C ALA B 241 6.57 -22.34 16.17
N VAL B 242 5.69 -21.42 16.55
CA VAL B 242 4.98 -20.58 15.58
C VAL B 242 5.18 -19.11 15.92
N ILE B 243 5.96 -18.43 15.08
CA ILE B 243 6.17 -16.98 15.18
C ILE B 243 5.02 -16.29 14.46
N MET B 244 4.30 -15.43 15.17
CA MET B 244 3.11 -14.80 14.58
C MET B 244 3.00 -13.29 14.71
N PHE B 245 2.81 -12.65 13.57
CA PHE B 245 2.47 -11.23 13.49
C PHE B 245 1.01 -11.13 13.07
N ALA B 246 0.11 -11.37 14.03
CA ALA B 246 -1.32 -11.32 13.78
C ALA B 246 -1.98 -10.29 14.67
N ASN B 247 -3.07 -9.68 14.19
CA ASN B 247 -3.79 -8.69 14.96
C ASN B 247 -4.55 -9.31 16.14
N GLU B 248 -4.95 -8.45 17.09
CA GLU B 248 -5.61 -8.85 18.33
C GLU B 248 -6.69 -9.92 18.16
N ASP B 249 -7.62 -9.69 17.23
CA ASP B 249 -8.74 -10.60 17.01
C ASP B 249 -8.37 -11.89 16.27
N ASP B 250 -7.34 -11.81 15.41
CA ASP B 250 -6.87 -12.97 14.67
C ASP B 250 -6.21 -14.04 15.55
N ILE B 251 -5.45 -13.58 16.55
CA ILE B 251 -4.80 -14.47 17.52
C ILE B 251 -5.83 -15.26 18.31
N ARG B 252 -6.89 -14.59 18.73
CA ARG B 252 -7.99 -15.21 19.48
C ARG B 252 -8.63 -16.37 18.69
N ARG B 253 -8.92 -16.11 17.43
CA ARG B 253 -9.57 -17.10 16.56
C ARG B 253 -8.64 -18.24 16.15
N ILE B 254 -7.34 -17.97 16.09
CA ILE B 254 -6.32 -19.00 15.87
C ILE B 254 -6.24 -19.91 17.09
N LEU B 255 -6.21 -19.32 18.28
CA LEU B 255 -6.20 -20.06 19.54
C LEU B 255 -7.51 -20.80 19.77
N GLU B 256 -8.61 -20.22 19.30
CA GLU B 256 -9.94 -20.84 19.37
C GLU B 256 -9.99 -22.13 18.56
N ALA B 257 -9.42 -22.09 17.36
CA ALA B 257 -9.37 -23.25 16.46
C ALA B 257 -8.47 -24.34 17.02
N ALA B 258 -7.35 -23.92 17.61
CA ALA B 258 -6.40 -24.85 18.23
C ALA B 258 -6.98 -25.52 19.48
N LYS B 259 -7.86 -24.80 20.18
CA LYS B 259 -8.57 -25.33 21.35
C LYS B 259 -9.58 -26.40 20.93
N LYS B 260 -10.32 -26.14 19.86
CA LYS B 260 -11.33 -27.06 19.34
C LYS B 260 -10.71 -28.36 18.83
N LEU B 261 -9.51 -28.25 18.24
CA LEU B 261 -8.80 -29.41 17.72
C LEU B 261 -7.85 -30.03 18.77
N GLN B 262 -8.07 -29.69 20.03
CA GLN B 262 -7.34 -30.24 21.18
C GLN B 262 -5.82 -30.16 21.05
N GLN B 263 -5.32 -29.04 20.52
CA GLN B 263 -3.89 -28.88 20.26
C GLN B 263 -3.14 -28.24 21.42
N SER B 264 -3.65 -28.43 22.63
CA SER B 264 -3.03 -27.92 23.85
C SER B 264 -1.73 -28.65 24.14
N GLY B 265 -0.64 -27.88 24.21
CA GLY B 265 0.67 -28.44 24.53
C GLY B 265 1.55 -28.71 23.32
N HIS B 266 0.94 -28.79 22.14
CA HIS B 266 1.69 -29.06 20.91
C HIS B 266 2.45 -27.85 20.38
N PHE B 267 1.72 -26.76 20.12
CA PHE B 267 2.32 -25.55 19.56
C PHE B 267 3.12 -24.75 20.59
N LEU B 268 4.16 -24.07 20.12
CA LEU B 268 4.95 -23.17 20.94
C LEU B 268 4.86 -21.76 20.35
N TRP B 269 3.97 -20.96 20.92
CA TRP B 269 3.63 -19.65 20.37
C TRP B 269 4.69 -18.59 20.62
N ILE B 270 5.02 -17.83 19.58
CA ILE B 270 5.86 -16.64 19.69
C ILE B 270 5.07 -15.45 19.14
N GLY B 271 4.59 -14.60 20.05
CA GLY B 271 3.74 -13.47 19.67
C GLY B 271 4.44 -12.13 19.66
N SER B 272 4.01 -11.27 18.76
CA SER B 272 4.55 -9.91 18.65
C SER B 272 3.81 -8.94 19.57
N ASP B 273 4.01 -7.64 19.37
CA ASP B 273 3.42 -6.61 20.23
C ASP B 273 1.90 -6.54 20.12
N SER B 274 1.36 -7.04 19.01
CA SER B 274 -0.08 -7.15 18.81
C SER B 274 -0.68 -8.20 19.74
N TRP B 275 0.12 -9.17 20.15
CA TRP B 275 -0.24 -10.08 21.22
C TRP B 275 0.09 -9.40 22.54
N GLY B 276 1.37 -9.11 22.75
CA GLY B 276 1.86 -8.44 23.96
C GLY B 276 1.40 -9.13 25.23
N SER B 277 0.97 -8.32 26.20
CA SER B 277 0.41 -8.85 27.45
C SER B 277 -1.08 -8.58 27.53
N LYS B 278 -1.76 -8.69 26.38
CA LYS B 278 -3.19 -8.40 26.27
C LYS B 278 -4.06 -9.53 26.83
N ILE B 279 -5.25 -9.16 27.28
CA ILE B 279 -6.21 -10.13 27.83
C ILE B 279 -7.17 -10.64 26.74
N ALA B 280 -7.37 -9.85 25.69
CA ALA B 280 -8.33 -10.17 24.63
C ALA B 280 -8.10 -11.53 23.94
N PRO B 281 -6.84 -11.85 23.53
CA PRO B 281 -6.63 -13.13 22.87
C PRO B 281 -6.65 -14.35 23.80
N VAL B 282 -6.46 -14.14 25.10
CA VAL B 282 -6.34 -15.24 26.07
C VAL B 282 -7.57 -15.45 26.97
N TYR B 283 -8.57 -14.58 26.83
CA TYR B 283 -9.79 -14.66 27.64
C TYR B 283 -10.60 -15.93 27.35
N GLN B 284 -10.85 -16.71 28.40
CA GLN B 284 -11.57 -18.00 28.32
C GLN B 284 -10.84 -19.04 27.46
N GLN B 285 -9.57 -18.78 27.17
CA GLN B 285 -8.72 -19.67 26.39
C GLN B 285 -7.32 -19.69 27.01
N GLU B 286 -7.28 -19.88 28.32
CA GLU B 286 -6.03 -19.80 29.08
C GLU B 286 -5.13 -21.02 28.87
N GLU B 287 -5.72 -22.21 28.85
CA GLU B 287 -4.98 -23.46 28.73
C GLU B 287 -4.22 -23.60 27.41
N ILE B 288 -4.86 -23.19 26.31
CA ILE B 288 -4.26 -23.31 24.97
C ILE B 288 -3.08 -22.34 24.76
N ALA B 289 -3.11 -21.22 25.46
CA ALA B 289 -2.09 -20.18 25.31
C ALA B 289 -0.95 -20.29 26.33
N GLU B 290 -0.94 -21.39 27.10
CA GLU B 290 0.07 -21.60 28.14
C GLU B 290 1.46 -21.76 27.55
N GLY B 291 2.41 -20.98 28.09
CA GLY B 291 3.80 -21.05 27.66
C GLY B 291 4.15 -20.15 26.48
N ALA B 292 3.17 -19.35 26.05
CA ALA B 292 3.37 -18.45 24.92
C ALA B 292 4.32 -17.32 25.28
N VAL B 293 5.38 -17.16 24.49
CA VAL B 293 6.37 -16.12 24.69
C VAL B 293 6.01 -14.91 23.83
N THR B 294 5.82 -13.76 24.47
CA THR B 294 5.41 -12.54 23.77
C THR B 294 6.39 -11.37 23.94
N ILE B 295 6.36 -10.45 22.99
CA ILE B 295 7.21 -9.27 23.01
C ILE B 295 6.37 -7.99 23.05
N LEU B 296 6.81 -7.02 23.83
CA LEU B 296 6.16 -5.72 23.93
C LEU B 296 7.21 -4.65 24.23
N PRO B 297 7.12 -3.49 23.55
CA PRO B 297 8.03 -2.38 23.82
C PRO B 297 7.97 -1.93 25.29
N LYS B 298 9.11 -1.52 25.83
CA LYS B 298 9.25 -1.11 27.23
C LYS B 298 8.13 -0.16 27.67
N ARG B 299 7.36 -0.57 28.67
CA ARG B 299 6.26 0.22 29.19
C ARG B 299 6.02 -0.07 30.68
N ALA B 300 5.30 0.84 31.33
CA ALA B 300 4.87 0.66 32.71
C ALA B 300 3.39 1.04 32.85
N SER B 301 2.75 0.55 33.89
CA SER B 301 1.36 0.89 34.20
C SER B 301 1.31 2.28 34.83
N ILE B 302 0.50 3.17 34.26
CA ILE B 302 0.38 4.54 34.74
C ILE B 302 -0.70 4.65 35.81
N ASP B 303 -0.30 5.02 37.02
CA ASP B 303 -1.20 5.07 38.18
C ASP B 303 -2.27 6.17 38.05
N GLY B 304 -1.87 7.32 37.49
CA GLY B 304 -2.77 8.45 37.30
C GLY B 304 -3.96 8.15 36.40
N PHE B 305 -3.73 7.40 35.33
CA PHE B 305 -4.78 7.00 34.40
C PHE B 305 -5.76 6.02 35.06
N ASP B 306 -5.24 5.11 35.87
CA ASP B 306 -6.06 4.15 36.60
C ASP B 306 -7.05 4.83 37.54
N ARG B 307 -6.58 5.85 38.25
CA ARG B 307 -7.45 6.64 39.14
C ARG B 307 -8.54 7.36 38.35
N TYR B 308 -8.17 7.86 37.17
CA TYR B 308 -9.10 8.58 36.30
C TYR B 308 -10.13 7.64 35.67
N PHE B 309 -9.67 6.54 35.09
CA PHE B 309 -10.54 5.64 34.33
C PHE B 309 -11.53 4.87 35.20
N ARG B 310 -11.10 4.48 36.41
CA ARG B 310 -11.96 3.75 37.34
C ARG B 310 -13.14 4.59 37.83
N SER B 311 -12.92 5.90 37.91
CA SER B 311 -13.94 6.84 38.38
C SER B 311 -14.87 7.35 37.27
N ARG B 312 -14.78 6.75 36.09
CA ARG B 312 -15.64 7.13 34.97
C ARG B 312 -17.00 6.45 35.07
N THR B 313 -18.05 7.26 34.96
CA THR B 313 -19.43 6.77 34.97
C THR B 313 -20.17 7.33 33.76
N LEU B 314 -21.35 6.75 33.47
CA LEU B 314 -22.20 7.23 32.39
C LEU B 314 -22.54 8.72 32.53
N ALA B 315 -22.61 9.18 33.77
CA ALA B 315 -23.01 10.55 34.10
C ALA B 315 -21.88 11.58 33.90
N ASN B 316 -20.68 11.25 34.39
CA ASN B 316 -19.55 12.18 34.34
C ASN B 316 -18.73 12.15 33.04
N ASN B 317 -18.87 11.07 32.28
CA ASN B 317 -18.11 10.89 31.05
C ASN B 317 -18.97 11.04 29.79
N ARG B 318 -19.58 12.21 29.64
CA ARG B 318 -20.43 12.51 28.50
C ARG B 318 -19.63 12.87 27.24
N ARG B 319 -18.38 13.28 27.43
CA ARG B 319 -17.47 13.57 26.32
C ARG B 319 -17.35 12.39 25.38
N ASN B 320 -17.14 11.20 25.97
CA ASN B 320 -16.99 9.97 25.21
C ASN B 320 -18.33 9.49 24.67
N VAL B 321 -18.54 9.70 23.38
CA VAL B 321 -19.79 9.35 22.71
C VAL B 321 -19.96 7.84 22.55
N TRP B 322 -18.89 7.10 22.81
CA TRP B 322 -18.91 5.63 22.72
C TRP B 322 -18.92 4.95 24.08
N PHE B 323 -19.02 5.75 25.15
CA PHE B 323 -18.95 5.25 26.51
C PHE B 323 -20.19 4.46 26.95
N ALA B 324 -21.34 4.80 26.38
CA ALA B 324 -22.58 4.06 26.64
C ALA B 324 -22.53 2.66 26.04
N GLU B 325 -21.92 2.54 24.85
CA GLU B 325 -21.70 1.25 24.20
C GLU B 325 -20.71 0.41 25.02
N PHE B 326 -19.67 1.07 25.52
CA PHE B 326 -18.66 0.42 26.37
C PHE B 326 -19.29 -0.11 27.65
N TRP B 327 -20.16 0.69 28.27
CA TRP B 327 -20.84 0.33 29.51
C TRP B 327 -21.61 -0.99 29.36
N GLU B 328 -22.41 -1.09 28.30
CA GLU B 328 -23.19 -2.29 28.00
C GLU B 328 -22.32 -3.52 27.78
N GLU B 329 -21.23 -3.35 27.03
CA GLU B 329 -20.33 -4.45 26.71
C GLU B 329 -19.44 -4.85 27.89
N ASN B 330 -19.08 -3.88 28.72
CA ASN B 330 -18.19 -4.10 29.86
C ASN B 330 -18.87 -4.82 31.03
N PHE B 331 -20.11 -4.44 31.32
CA PHE B 331 -20.84 -5.00 32.45
C PHE B 331 -21.84 -6.09 32.05
N GLY B 332 -22.03 -6.26 30.75
CA GLY B 332 -22.89 -7.31 30.20
C GLY B 332 -24.36 -7.09 30.47
N CYS B 333 -24.88 -5.94 30.03
CA CYS B 333 -26.28 -5.58 30.22
C CYS B 333 -26.78 -4.62 29.12
N LYS B 334 -28.00 -4.12 29.27
CA LYS B 334 -28.61 -3.21 28.31
C LYS B 334 -29.22 -2.01 29.03
N LEU B 335 -28.96 -0.81 28.50
CA LEU B 335 -29.49 0.43 29.08
C LEU B 335 -30.98 0.63 28.76
N LYS B 347 -31.66 -3.75 31.89
CA LYS B 347 -30.82 -4.68 32.64
C LYS B 347 -29.75 -3.96 33.47
N CYS B 348 -29.14 -2.92 32.90
CA CYS B 348 -28.14 -2.14 33.62
C CYS B 348 -28.78 -1.28 34.71
N THR B 349 -28.18 -1.31 35.90
CA THR B 349 -28.63 -0.47 37.00
C THR B 349 -28.21 0.99 36.78
N GLY B 350 -27.05 1.18 36.17
CA GLY B 350 -26.52 2.51 35.88
C GLY B 350 -25.51 2.99 36.90
N LEU B 351 -25.39 2.26 38.01
CA LEU B 351 -24.51 2.64 39.11
C LEU B 351 -23.36 1.64 39.31
N GLU B 352 -22.98 0.94 38.23
CA GLU B 352 -21.88 -0.02 38.25
C GLU B 352 -20.53 0.69 38.35
N ARG B 353 -19.53 -0.01 38.86
CA ARG B 353 -18.16 0.52 38.97
C ARG B 353 -17.20 -0.29 38.11
N ILE B 354 -16.37 0.40 37.36
CA ILE B 354 -15.50 -0.21 36.33
C ILE B 354 -14.58 -1.32 36.87
N ALA B 355 -13.85 -1.04 37.95
CA ALA B 355 -12.90 -2.01 38.50
C ALA B 355 -13.55 -3.03 39.44
N ARG B 356 -14.70 -2.66 40.00
CA ARG B 356 -15.37 -3.48 41.02
C ARG B 356 -16.34 -4.49 40.41
N ASP B 357 -17.25 -4.01 39.56
CA ASP B 357 -18.29 -4.86 38.95
C ASP B 357 -17.78 -5.69 37.77
N SER B 358 -16.58 -5.36 37.29
CA SER B 358 -15.93 -6.09 36.19
C SER B 358 -14.41 -6.08 36.34
N SER B 359 -13.75 -7.07 35.76
CA SER B 359 -12.29 -7.16 35.81
C SER B 359 -11.65 -6.13 34.89
N TYR B 360 -10.71 -5.37 35.43
CA TYR B 360 -10.07 -4.29 34.70
C TYR B 360 -8.54 -4.27 34.88
N GLU B 361 -7.83 -4.19 33.77
CA GLU B 361 -6.40 -3.92 33.77
C GLU B 361 -6.07 -2.98 32.61
N GLN B 362 -5.22 -1.99 32.91
CA GLN B 362 -4.79 -0.99 31.93
C GLN B 362 -4.14 -1.65 30.71
N GLU B 363 -4.55 -1.21 29.52
CA GLU B 363 -3.99 -1.71 28.27
C GLU B 363 -2.51 -1.33 28.18
N GLY B 364 -1.71 -2.23 27.62
CA GLY B 364 -0.27 -2.08 27.57
C GLY B 364 0.26 -0.82 26.90
N LYS B 365 -0.44 -0.34 25.88
CA LYS B 365 0.03 0.80 25.10
C LYS B 365 -0.57 2.14 25.53
N VAL B 366 -1.21 2.16 26.70
CA VAL B 366 -1.78 3.38 27.28
C VAL B 366 -0.68 4.43 27.55
N GLN B 367 0.45 3.98 28.08
CA GLN B 367 1.61 4.85 28.29
C GLN B 367 2.04 5.53 26.99
N PHE B 368 2.08 4.75 25.91
CA PHE B 368 2.50 5.26 24.60
C PHE B 368 1.55 6.30 24.04
N VAL B 369 0.25 6.17 24.35
CA VAL B 369 -0.73 7.16 23.94
C VAL B 369 -0.49 8.50 24.66
N ILE B 370 -0.35 8.43 25.99
CA ILE B 370 -0.11 9.61 26.82
C ILE B 370 1.18 10.33 26.40
N ASP B 371 2.24 9.55 26.19
CA ASP B 371 3.54 10.10 25.78
C ASP B 371 3.50 10.70 24.37
N ALA B 372 2.62 10.18 23.52
CA ALA B 372 2.42 10.73 22.17
C ALA B 372 1.76 12.11 22.21
N VAL B 373 0.85 12.29 23.17
CA VAL B 373 0.17 13.56 23.38
C VAL B 373 1.13 14.59 23.98
N TYR B 374 1.92 14.16 24.96
CA TYR B 374 2.92 15.01 25.60
C TYR B 374 4.04 15.43 24.64
N SER B 375 4.36 14.55 23.69
CA SER B 375 5.33 14.86 22.64
C SER B 375 4.85 16.02 21.77
N MET B 376 3.55 16.00 21.44
CA MET B 376 2.91 17.06 20.68
C MET B 376 2.86 18.35 21.50
N ALA B 377 2.58 18.21 22.79
CA ALA B 377 2.45 19.36 23.71
C ALA B 377 3.78 20.07 23.96
N TYR B 378 4.83 19.29 24.26
CA TYR B 378 6.17 19.84 24.49
C TYR B 378 6.74 20.53 23.26
N ALA B 379 6.42 20.00 22.08
CA ALA B 379 6.83 20.59 20.82
C ALA B 379 6.18 21.95 20.60
N LEU B 380 4.88 22.04 20.92
CA LEU B 380 4.15 23.30 20.87
C LEU B 380 4.66 24.27 21.92
N HIS B 381 5.05 23.73 23.08
CA HIS B 381 5.64 24.52 24.17
C HIS B 381 6.99 25.11 23.75
N ASN B 382 7.83 24.29 23.11
CA ASN B 382 9.13 24.72 22.63
C ASN B 382 9.04 25.69 21.45
N MET B 383 7.99 25.54 20.65
CA MET B 383 7.70 26.44 19.53
C MET B 383 7.23 27.80 20.05
N HIS B 384 6.46 27.77 21.13
CA HIS B 384 5.96 28.98 21.79
C HIS B 384 7.09 29.76 22.46
N LYS B 385 8.05 29.03 23.02
CA LYS B 385 9.19 29.62 23.72
C LYS B 385 10.12 30.41 22.78
N ASP B 386 10.03 30.12 21.48
CA ASP B 386 10.84 30.79 20.47
C ASP B 386 10.06 31.85 19.68
N LEU B 387 8.77 31.59 19.45
CA LEU B 387 7.91 32.53 18.72
C LEU B 387 7.33 33.62 19.62
N CYS B 388 7.04 33.26 20.86
CA CYS B 388 6.52 34.23 21.85
C CYS B 388 7.45 34.28 23.07
N PRO B 389 8.56 35.05 22.97
CA PRO B 389 9.48 35.12 24.10
C PRO B 389 8.97 36.01 25.24
N GLY B 390 8.88 35.44 26.43
CA GLY B 390 8.39 36.16 27.62
C GLY B 390 6.95 36.62 27.48
N TYR B 391 6.11 35.77 26.92
CA TYR B 391 4.71 36.09 26.68
C TYR B 391 3.83 34.91 27.09
N ILE B 392 3.05 35.10 28.16
CA ILE B 392 2.15 34.06 28.65
C ILE B 392 0.89 33.99 27.78
N GLY B 393 0.71 32.86 27.11
CA GLY B 393 -0.39 32.68 26.17
C GLY B 393 0.07 32.76 24.73
N LEU B 394 -0.86 32.61 23.80
CA LEU B 394 -0.53 32.63 22.37
C LEU B 394 -0.40 34.05 21.83
N CYS B 395 0.82 34.41 21.42
CA CYS B 395 1.10 35.72 20.84
C CYS B 395 0.56 35.80 19.40
N PRO B 396 0.34 37.02 18.89
CA PRO B 396 -0.20 37.22 17.53
C PRO B 396 0.64 36.56 16.43
N ARG B 397 1.94 36.35 16.70
CA ARG B 397 2.83 35.68 15.77
C ARG B 397 2.48 34.18 15.63
N MET B 398 2.05 33.58 16.72
CA MET B 398 1.67 32.17 16.74
C MET B 398 0.16 31.98 16.57
N SER B 399 -0.42 32.77 15.65
CA SER B 399 -1.84 32.66 15.32
C SER B 399 -2.12 31.40 14.53
N THR B 400 -1.26 31.11 13.56
CA THR B 400 -1.33 29.89 12.76
C THR B 400 -0.06 29.09 12.94
N ILE B 401 -0.21 27.84 13.40
CA ILE B 401 0.92 26.95 13.63
C ILE B 401 1.39 26.34 12.32
N ASP B 402 2.66 26.57 11.99
CA ASP B 402 3.27 26.02 10.79
C ASP B 402 3.59 24.54 10.98
N GLY B 403 3.10 23.71 10.05
CA GLY B 403 3.25 22.26 10.13
C GLY B 403 4.68 21.75 10.01
N LYS B 404 5.40 22.28 9.01
CA LYS B 404 6.80 21.90 8.79
C LYS B 404 7.69 22.30 9.96
N GLU B 405 7.39 23.46 10.56
CA GLU B 405 8.11 23.95 11.72
C GLU B 405 7.81 23.11 12.96
N LEU B 406 6.54 22.75 13.15
CA LEU B 406 6.10 21.92 14.26
C LEU B 406 6.73 20.52 14.22
N LEU B 407 6.83 19.98 13.01
CA LEU B 407 7.50 18.69 12.79
C LEU B 407 8.95 18.72 13.29
N GLY B 408 9.63 19.84 13.03
CA GLY B 408 11.00 20.05 13.49
C GLY B 408 11.14 20.04 15.01
N TYR B 409 10.14 20.58 15.69
CA TYR B 409 10.12 20.59 17.16
C TYR B 409 9.78 19.22 17.75
N ILE B 410 8.87 18.49 17.11
CA ILE B 410 8.50 17.13 17.53
C ILE B 410 9.71 16.19 17.48
N ARG B 411 10.47 16.26 16.40
CA ARG B 411 11.66 15.42 16.22
C ARG B 411 12.79 15.79 17.18
N ALA B 412 12.68 16.96 17.80
CA ALA B 412 13.72 17.49 18.68
C ALA B 412 13.45 17.34 20.18
N VAL B 413 12.21 17.02 20.56
CA VAL B 413 11.83 16.95 21.98
C VAL B 413 12.62 15.92 22.78
N ASN B 414 12.90 16.26 24.04
CA ASN B 414 13.57 15.37 24.97
C ASN B 414 13.04 15.60 26.39
N PHE B 415 12.15 14.71 26.82
CA PHE B 415 11.50 14.82 28.13
C PHE B 415 11.25 13.46 28.76
N ASN B 416 11.08 13.45 30.08
CA ASN B 416 10.66 12.25 30.80
C ASN B 416 9.14 12.09 30.73
N GLY B 417 8.70 10.93 30.29
CA GLY B 417 7.28 10.67 30.06
C GLY B 417 6.46 10.38 31.30
N SER B 418 5.29 9.77 31.10
CA SER B 418 4.34 9.48 32.16
C SER B 418 4.80 8.38 33.12
N ALA B 419 5.87 7.69 32.76
CA ALA B 419 6.43 6.62 33.60
C ALA B 419 7.82 6.96 34.13
N GLY B 420 8.30 8.17 33.81
CA GLY B 420 9.63 8.61 34.20
C GLY B 420 10.69 8.28 33.16
N THR B 421 10.32 7.45 32.19
CA THR B 421 11.20 7.03 31.11
C THR B 421 11.33 8.15 30.07
N PRO B 422 12.57 8.41 29.59
CA PRO B 422 12.80 9.40 28.53
C PRO B 422 12.06 9.08 27.23
N VAL B 423 11.63 10.13 26.54
CA VAL B 423 10.96 10.00 25.25
C VAL B 423 11.73 10.82 24.20
N THR B 424 12.16 10.14 23.13
CA THR B 424 12.95 10.79 22.09
C THR B 424 12.68 10.22 20.70
N PHE B 425 12.97 11.02 19.66
CA PHE B 425 12.79 10.61 18.27
C PHE B 425 14.11 10.75 17.51
N ASN B 426 14.38 9.81 16.62
CA ASN B 426 15.57 9.88 15.78
C ASN B 426 15.29 10.61 14.46
N GLU B 427 16.25 10.56 13.52
CA GLU B 427 16.12 11.18 12.21
C GLU B 427 14.85 10.72 11.47
N ASN B 428 14.47 9.47 11.68
CA ASN B 428 13.30 8.88 11.03
C ASN B 428 12.02 9.01 11.87
N GLY B 429 12.16 9.57 13.07
CA GLY B 429 11.02 9.76 13.98
C GLY B 429 10.65 8.52 14.76
N ASP B 430 11.64 7.67 15.02
CA ASP B 430 11.44 6.41 15.73
C ASP B 430 11.96 6.46 17.15
N ALA B 431 11.36 5.65 18.01
CA ALA B 431 11.86 5.40 19.35
C ALA B 431 12.89 4.27 19.28
N PRO B 432 13.86 4.25 20.24
CA PRO B 432 14.87 3.19 20.25
C PRO B 432 14.27 1.78 20.47
N GLY B 433 14.91 0.79 19.87
CA GLY B 433 14.46 -0.61 19.97
C GLY B 433 14.67 -1.20 21.34
N ARG B 434 13.69 -0.97 22.23
CA ARG B 434 13.73 -1.50 23.59
C ARG B 434 12.44 -2.25 23.91
N TYR B 435 12.58 -3.54 24.23
CA TYR B 435 11.42 -4.41 24.45
C TYR B 435 11.49 -5.18 25.77
N ASP B 436 10.33 -5.61 26.24
CA ASP B 436 10.23 -6.57 27.34
C ASP B 436 9.67 -7.88 26.81
N ILE B 437 10.30 -8.99 27.20
CA ILE B 437 9.84 -10.32 26.80
C ILE B 437 9.04 -10.96 27.93
N PHE B 438 7.81 -11.38 27.60
CA PHE B 438 6.89 -12.00 28.55
C PHE B 438 6.70 -13.48 28.24
N GLN B 439 6.14 -14.20 29.20
CA GLN B 439 5.63 -15.55 28.96
C GLN B 439 4.35 -15.77 29.73
N TYR B 440 3.35 -16.33 29.06
CA TYR B 440 2.05 -16.61 29.67
C TYR B 440 2.14 -17.86 30.54
N GLN B 441 1.99 -17.68 31.85
CA GLN B 441 2.15 -18.77 32.82
C GLN B 441 0.96 -18.91 33.76
N ILE B 442 0.62 -20.15 34.09
CA ILE B 442 -0.41 -20.45 35.10
C ILE B 442 0.21 -21.21 36.28
N THR B 443 -0.09 -20.76 37.50
CA THR B 443 0.43 -21.39 38.71
C THR B 443 -0.60 -22.37 39.29
N ASN B 444 -1.73 -21.82 39.77
CA ASN B 444 -2.86 -22.64 40.22
C ASN B 444 -4.03 -22.46 39.26
N LYS B 445 -4.74 -21.35 39.42
CA LYS B 445 -5.78 -20.93 38.47
C LYS B 445 -5.63 -19.43 38.20
N SER B 446 -4.50 -18.88 38.63
CA SER B 446 -4.16 -17.48 38.37
C SER B 446 -3.30 -17.35 37.13
N THR B 447 -3.65 -16.40 36.28
CA THR B 447 -2.93 -16.17 35.02
C THR B 447 -2.18 -14.84 35.05
N GLU B 448 -0.99 -14.84 34.47
CA GLU B 448 -0.19 -13.62 34.33
C GLU B 448 0.82 -13.71 33.20
N TYR B 449 1.18 -12.55 32.65
CA TYR B 449 2.30 -12.44 31.73
C TYR B 449 3.53 -12.05 32.53
N LYS B 450 4.36 -13.05 32.83
CA LYS B 450 5.55 -12.82 33.64
C LYS B 450 6.72 -12.37 32.78
N VAL B 451 7.46 -11.37 33.26
CA VAL B 451 8.66 -10.88 32.57
C VAL B 451 9.77 -11.92 32.70
N ILE B 452 10.22 -12.43 31.56
CA ILE B 452 11.27 -13.44 31.51
C ILE B 452 12.56 -12.90 30.87
N GLY B 453 12.50 -11.67 30.36
CA GLY B 453 13.66 -11.03 29.74
C GLY B 453 13.39 -9.68 29.14
N HIS B 454 14.43 -9.08 28.57
CA HIS B 454 14.34 -7.80 27.88
C HIS B 454 15.35 -7.73 26.73
N TRP B 455 14.99 -7.02 25.67
CA TRP B 455 15.84 -6.88 24.50
C TRP B 455 16.23 -5.43 24.27
N THR B 456 17.51 -5.14 24.46
CA THR B 456 18.07 -3.81 24.22
C THR B 456 19.35 -3.97 23.40
N ASN B 457 19.19 -4.01 22.08
CA ASN B 457 20.27 -4.35 21.14
C ASN B 457 20.72 -5.82 21.22
N GLN B 458 20.78 -6.35 22.43
CA GLN B 458 21.14 -7.75 22.69
C GLN B 458 20.07 -8.41 23.54
N LEU B 459 19.96 -9.74 23.42
CA LEU B 459 18.98 -10.51 24.20
C LEU B 459 19.48 -10.76 25.62
N HIS B 460 18.60 -10.50 26.59
CA HIS B 460 18.87 -10.80 27.99
C HIS B 460 17.75 -11.69 28.53
N LEU B 461 17.77 -12.95 28.13
CA LEU B 461 16.71 -13.89 28.48
C LEU B 461 17.04 -14.69 29.74
N LYS B 462 16.20 -14.54 30.76
CA LYS B 462 16.33 -15.28 32.01
C LYS B 462 15.60 -16.61 31.90
N VAL B 463 16.36 -17.68 31.64
CA VAL B 463 15.82 -19.01 31.45
C VAL B 463 15.25 -19.64 32.74
N GLU B 464 15.70 -19.12 33.88
CA GLU B 464 15.26 -19.60 35.20
C GLU B 464 13.76 -19.34 35.41
N ASP B 465 13.32 -18.16 35.00
CA ASP B 465 11.95 -17.69 35.25
C ASP B 465 10.89 -18.31 34.33
N MET B 466 11.34 -19.04 33.31
CA MET B 466 10.43 -19.67 32.35
C MET B 466 9.76 -20.91 32.94
N GLN B 467 8.55 -21.19 32.47
CA GLN B 467 7.72 -22.26 32.99
C GLN B 467 6.97 -22.96 31.86
N TRP B 468 6.85 -24.29 31.97
CA TRP B 468 6.12 -25.10 30.98
C TRP B 468 5.20 -26.09 31.66
N GLU C . 1.09 -3.26 -15.78
CA GLU C . 1.81 -2.16 -15.13
C GLU C . 1.27 -1.74 -13.74
O GLU C . 1.85 -0.99 -12.99
CB GLU C . 1.79 -0.89 -16.03
CG GLU C . 2.95 -0.92 -17.01
CD GLU C . 2.79 0.04 -18.16
OE1 GLU C . 3.16 -0.47 -19.30
OE2 GLU C . 2.37 1.17 -18.02
OXT GLU C . 0.12 -2.30 -13.47
C1 NAG D . -27.23 21.61 -30.87
C2 NAG D . -28.49 21.63 -31.74
C3 NAG D . -28.95 23.07 -32.01
C4 NAG D . -29.04 23.89 -30.73
C5 NAG D . -27.72 23.78 -29.95
C6 NAG D . -27.76 24.54 -28.62
C7 NAG D . -29.15 20.00 -33.44
C8 NAG D . -28.82 19.36 -34.75
N2 NAG D . -28.31 20.93 -32.98
O3 NAG D . -30.21 23.04 -32.66
O4 NAG D . -29.33 25.24 -31.04
O5 NAG D . -27.41 22.41 -29.70
O6 NAG D . -28.57 23.86 -27.69
O7 NAG D . -30.17 19.65 -32.83
S SO4 E . -2.47 24.55 -14.37
O1 SO4 E . -1.39 25.52 -14.52
O2 SO4 E . -1.94 23.33 -13.75
O3 SO4 E . -3.52 25.10 -13.52
O4 SO4 E . -3.01 24.23 -15.68
N GLU F . 1.91 -2.86 16.21
CA GLU F . 0.63 -3.06 15.53
C GLU F . 0.54 -2.46 14.09
O GLU F . 1.62 -1.80 13.77
CB GLU F . -0.52 -2.45 16.34
CG GLU F . -1.12 -3.48 17.30
CD GLU F . -1.85 -2.86 18.46
OE1 GLU F . -1.48 -3.33 19.61
OE2 GLU F . -2.71 -2.01 18.33
OXT GLU F . -0.42 -2.60 13.37
C1 NAG G . -4.66 34.63 30.27
C2 NAG G . -4.04 35.70 31.17
C3 NAG G . -5.03 36.83 31.46
C4 NAG G . -5.63 37.36 30.16
C5 NAG G . -6.19 36.22 29.31
C6 NAG G . -6.74 36.69 27.97
C7 NAG G . -2.33 35.30 32.89
C8 NAG G . -2.03 34.64 34.21
N2 NAG G . -3.58 35.13 32.43
O3 NAG G . -4.38 37.87 32.14
O4 NAG G . -6.65 38.30 30.46
O5 NAG G . -5.18 35.24 29.10
O6 NAG G . -5.69 36.98 27.07
O7 NAG G . -1.46 35.96 32.33
S SO4 H . 8.20 -32.00 9.37
O1 SO4 H . 8.93 -31.20 8.40
O2 SO4 H . 9.05 -33.07 9.88
O3 SO4 H . 7.78 -31.16 10.49
O4 SO4 H . 7.02 -32.58 8.73
S SO4 I . -19.90 14.30 14.29
O1 SO4 I . -18.81 13.83 13.43
O2 SO4 I . -19.42 14.42 15.66
O3 SO4 I . -20.37 15.59 13.81
O4 SO4 I . -21.00 13.34 14.25
S SO4 J . -2.31 -3.95 9.22
O1 SO4 J . -1.03 -3.58 8.62
O2 SO4 J . -2.10 -4.88 10.31
O3 SO4 J . -2.98 -2.75 9.72
O4 SO4 J . -3.15 -4.58 8.20
#